data_2OW6
#
_entry.id   2OW6
#
_cell.length_a   69.007
_cell.length_b   109.620
_cell.length_c   138.915
_cell.angle_alpha   90.00
_cell.angle_beta   90.00
_cell.angle_gamma   90.00
#
_symmetry.space_group_name_H-M   'P 21 21 21'
#
loop_
_entity.id
_entity.type
_entity.pdbx_description
1 polymer 'Alpha-mannosidase 2'
2 non-polymer 2-acetamido-2-deoxy-beta-D-glucopyranose
3 non-polymer 'PHOSPHATE ION'
4 non-polymer 'ZINC ION'
5 non-polymer (1R,5S,6S,7R,8S)-1-THIONIABICYCLO[4.3.0]NONAN-5,7,8-TRIOL
6 non-polymer (4R)-2-METHYLPENTANE-2,4-DIOL
7 water water
#
_entity_poly.entity_id   1
_entity_poly.type   'polypeptide(L)'
_entity_poly.pdbx_seq_one_letter_code
;RSSHHHHHHGEFDDPIRPPLKVARSPRPGQCQDVVQDVPNVDVQMLELYDRMSFKDIDGGVWKQGWNIKYDPLKYNAHHK
LKVFVVPHSHNDPGWIQTFEEYYQHDTKHILSNALRHLHDNPEMKFIWAEISYFARFYHDLGENKKLQMKSIVKNGQLEF
VTGGWVMPDEANSHWRNVLLQLTEGQTWLKQFMNVTPTASWAIDPFGHSPTMPYILQKSGFKNMLIQRTHYSVKKELAQQ
RQLEFLWRQIWDNKGDTALFTHMMPFYSYDIPHTCGPDPKVCCQFDFKRMGSFGLSCPWKVPPRTISDQNVAARSDLLVD
QWKKKAELYRTNVLLIPLGDDFRFKQNTEWDVQRVNYERLFEHINSQAHFNVQAQFGTLQEYFDAVHQAERAGQAEFPTL
SGDFFTYADRSDNYWSGYYTSRPYHKRMDRVLMHYVRAAEMLSAWHSWDGMARIEERLEQARRELSLFQHHDGITGTAKT
HVVVDYEQRMQEALKACQMVMQQSVYRLLTKPSIYSPDFSFSYFTLDDSRWPGSGVEDSRTTIILGEDILPSKHVVMHNT
LPHWREQLVDFYVSSPFVSVTDLANNPVEAQVSPVWSWHHDTLTKTIHPQGSTTKYRIIFKARVPPMGLATYVLTISDSK
PEHTSYASNLLLRKNPTSLPLGQYPEDVKFGDPREISLRVGNGPTLAFSEQGLLKSIQLTQDSPHVPVHFKFLKYGVRSH
GDRSGAYLFLPNGPASPVELGQPVVLVTKGKLESSVSVGLPSVVHQTIMRGGAPEIRNLVDIGSLDNTEIVMRLETHIDS
GDIFYTDLNGLQFIKRRRLDKLPLQANYYPIPSGMFIEDANTRLTLLTGQPLGGSSLASGELEIMQDRRLASDDERGLGQ
GVLDNKPVLHIYRLVLEKVNNCVRPSKLHPAGYLTSAAHKASQSLLDPLDKFIFAENEWIGAQGQFGGDHPSAREDLDVS
VMRRLTKSSAKTQRVGYVLHRTNLMQCGTPEEHTQKLDVCHLLPNVARCERTTLTFLQNLEHLDGMVAPEVCPMETAAYV
SSHSS
;
_entity_poly.pdbx_strand_id   A
#
# COMPACT_ATOMS: atom_id res chain seq x y z
N GLN A 30 -23.08 -18.94 11.73
CA GLN A 30 -21.66 -18.88 11.95
C GLN A 30 -20.92 -18.02 10.90
N CYS A 31 -19.63 -18.29 10.70
CA CYS A 31 -18.94 -17.55 9.68
C CYS A 31 -19.38 -17.88 8.29
N GLN A 32 -19.36 -16.90 7.37
CA GLN A 32 -19.58 -17.16 5.97
C GLN A 32 -18.40 -17.95 5.41
N ASP A 33 -18.71 -18.84 4.50
CA ASP A 33 -17.69 -19.63 3.79
C ASP A 33 -17.17 -18.76 2.67
N VAL A 34 -15.90 -18.46 2.59
CA VAL A 34 -15.34 -17.53 1.59
C VAL A 34 -14.70 -18.30 0.42
N VAL A 35 -14.83 -19.62 0.43
CA VAL A 35 -14.24 -20.46 -0.62
C VAL A 35 -15.24 -21.13 -1.54
N GLN A 36 -16.29 -21.72 -0.97
CA GLN A 36 -17.06 -22.73 -1.71
C GLN A 36 -18.31 -22.19 -2.34
N ASP A 37 -18.77 -21.00 -2.05
CA ASP A 37 -20.02 -20.49 -2.57
C ASP A 37 -19.67 -19.24 -3.41
N VAL A 38 -19.99 -19.37 -4.69
CA VAL A 38 -19.73 -18.25 -5.62
C VAL A 38 -20.81 -17.19 -5.52
N PRO A 39 -20.47 -15.98 -5.14
CA PRO A 39 -21.54 -14.99 -4.99
C PRO A 39 -22.24 -14.73 -6.33
N ASN A 40 -23.55 -14.47 -6.18
CA ASN A 40 -24.37 -14.07 -7.29
C ASN A 40 -24.51 -12.56 -7.31
N VAL A 41 -23.82 -11.90 -8.23
CA VAL A 41 -23.82 -10.46 -8.38
C VAL A 41 -24.28 -10.07 -9.79
N ASP A 42 -24.83 -8.88 -9.92
CA ASP A 42 -25.27 -8.41 -11.23
C ASP A 42 -24.10 -8.14 -12.17
N VAL A 43 -23.03 -7.59 -11.60
CA VAL A 43 -21.83 -7.23 -12.35
C VAL A 43 -20.64 -7.85 -11.63
N GLN A 44 -19.89 -8.71 -12.29
CA GLN A 44 -18.67 -9.29 -11.75
C GLN A 44 -17.57 -8.83 -12.71
N MET A 45 -16.62 -8.04 -12.22
CA MET A 45 -15.73 -7.37 -13.15
C MET A 45 -14.87 -8.31 -13.96
N LEU A 46 -14.45 -9.46 -13.49
CA LEU A 46 -13.68 -10.37 -14.34
C LEU A 46 -14.57 -10.89 -15.46
N GLU A 47 -15.82 -11.20 -15.16
CA GLU A 47 -16.74 -11.70 -16.20
C GLU A 47 -16.99 -10.61 -17.22
N LEU A 48 -17.17 -9.37 -16.75
CA LEU A 48 -17.38 -8.25 -17.64
C LEU A 48 -16.21 -8.06 -18.57
N TYR A 49 -15.01 -8.14 -18.05
CA TYR A 49 -13.81 -8.03 -18.84
C TYR A 49 -13.74 -9.11 -19.90
N ASP A 50 -14.15 -10.33 -19.60
CA ASP A 50 -14.06 -11.42 -20.58
C ASP A 50 -14.97 -11.14 -21.77
N ARG A 51 -16.14 -10.54 -21.52
CA ARG A 51 -17.17 -10.29 -22.52
C ARG A 51 -16.99 -9.00 -23.29
N MET A 52 -16.48 -7.93 -22.70
N MET A 52 -16.43 -7.99 -22.64
CA MET A 52 -16.37 -6.61 -23.35
CA MET A 52 -16.27 -6.67 -23.25
C MET A 52 -15.44 -6.57 -24.55
C MET A 52 -15.26 -6.67 -24.39
N SER A 53 -15.78 -5.74 -25.56
N SER A 53 -15.49 -5.82 -25.38
CA SER A 53 -14.87 -5.62 -26.71
CA SER A 53 -14.64 -5.77 -26.58
C SER A 53 -13.80 -4.55 -26.63
C SER A 53 -13.60 -4.66 -26.49
N PHE A 54 -13.87 -3.63 -25.72
CA PHE A 54 -12.89 -2.54 -25.50
C PHE A 54 -12.59 -1.75 -26.74
N LYS A 55 -13.54 -1.57 -27.66
CA LYS A 55 -13.28 -0.77 -28.86
C LYS A 55 -13.29 0.69 -28.52
N ASP A 56 -12.30 1.38 -29.07
CA ASP A 56 -12.09 2.78 -28.83
C ASP A 56 -12.62 3.58 -30.03
N ILE A 57 -13.93 3.71 -30.04
CA ILE A 57 -14.44 4.47 -31.17
C ILE A 57 -14.91 5.81 -30.71
N ASP A 58 -14.95 6.66 -31.71
CA ASP A 58 -15.31 8.06 -31.55
C ASP A 58 -16.79 8.19 -31.30
N GLY A 59 -17.23 8.55 -30.10
CA GLY A 59 -18.62 8.64 -29.78
C GLY A 59 -19.28 9.99 -30.01
N GLY A 60 -18.53 10.93 -30.56
CA GLY A 60 -19.04 12.26 -30.81
C GLY A 60 -18.53 13.18 -29.74
N VAL A 61 -19.34 14.12 -29.33
CA VAL A 61 -18.89 15.09 -28.33
C VAL A 61 -18.51 14.36 -27.04
N TRP A 62 -19.24 13.32 -26.68
CA TRP A 62 -18.82 12.42 -25.60
C TRP A 62 -17.90 11.43 -26.33
N LYS A 63 -16.59 11.72 -26.32
CA LYS A 63 -15.73 11.01 -27.21
C LYS A 63 -15.70 9.52 -26.93
N GLN A 64 -15.83 9.10 -25.68
CA GLN A 64 -15.76 7.70 -25.31
C GLN A 64 -17.09 7.09 -24.98
N GLY A 65 -18.16 7.78 -25.38
CA GLY A 65 -19.53 7.35 -25.14
C GLY A 65 -20.32 7.30 -26.41
N TRP A 66 -21.49 7.94 -26.37
CA TRP A 66 -22.41 7.97 -27.49
C TRP A 66 -23.23 9.25 -27.34
N ASN A 67 -24.03 9.61 -28.34
CA ASN A 67 -24.94 10.75 -28.28
C ASN A 67 -26.17 10.45 -27.45
N ILE A 68 -26.20 10.92 -26.19
CA ILE A 68 -27.27 10.62 -25.29
C ILE A 68 -28.55 11.32 -25.71
N LYS A 69 -29.62 10.56 -25.66
CA LYS A 69 -30.96 11.09 -25.95
C LYS A 69 -31.83 10.93 -24.73
N TYR A 70 -32.76 11.88 -24.49
CA TYR A 70 -33.68 11.77 -23.35
C TYR A 70 -35.05 12.20 -23.90
N ASP A 71 -36.06 11.68 -23.21
CA ASP A 71 -37.42 12.08 -23.50
C ASP A 71 -37.80 13.27 -22.64
N PRO A 72 -38.10 14.40 -23.23
CA PRO A 72 -38.33 15.61 -22.42
C PRO A 72 -39.47 15.43 -21.45
N LEU A 73 -40.38 14.54 -21.85
CA LEU A 73 -41.57 14.35 -21.04
C LEU A 73 -41.32 13.46 -19.83
N LYS A 74 -40.07 13.01 -19.69
CA LYS A 74 -39.68 12.29 -18.51
C LYS A 74 -39.87 13.09 -17.22
N TYR A 75 -39.60 14.37 -17.30
CA TYR A 75 -39.77 15.21 -16.14
C TYR A 75 -41.00 16.10 -16.40
N ASN A 76 -41.67 16.33 -15.28
CA ASN A 76 -42.88 17.15 -15.23
C ASN A 76 -43.12 17.69 -13.84
N ALA A 77 -44.24 18.36 -13.64
CA ALA A 77 -44.51 19.02 -12.38
C ALA A 77 -44.44 18.08 -11.18
N HIS A 78 -44.83 16.83 -11.35
CA HIS A 78 -44.84 15.83 -10.29
C HIS A 78 -43.59 14.98 -10.24
N HIS A 79 -42.61 15.31 -11.07
CA HIS A 79 -41.44 14.45 -11.16
C HIS A 79 -40.30 15.30 -11.74
N LYS A 80 -39.72 16.08 -10.83
CA LYS A 80 -38.71 17.03 -11.24
C LYS A 80 -37.33 16.39 -11.15
N LEU A 81 -36.36 16.93 -11.88
CA LEU A 81 -34.97 16.58 -11.71
C LEU A 81 -34.37 17.45 -10.63
N LYS A 82 -33.81 16.81 -9.61
CA LYS A 82 -33.18 17.53 -8.51
C LYS A 82 -31.69 17.50 -8.74
N VAL A 83 -31.06 18.67 -8.85
CA VAL A 83 -29.67 18.82 -9.23
C VAL A 83 -28.88 19.42 -8.06
N PHE A 84 -27.86 18.70 -7.65
CA PHE A 84 -26.93 19.18 -6.63
C PHE A 84 -25.61 19.55 -7.25
N VAL A 85 -25.27 20.83 -7.25
CA VAL A 85 -23.99 21.33 -7.74
C VAL A 85 -23.08 21.40 -6.54
N VAL A 86 -21.99 20.62 -6.54
CA VAL A 86 -21.16 20.41 -5.36
C VAL A 86 -19.78 21.03 -5.59
N PRO A 87 -19.55 22.25 -5.07
CA PRO A 87 -18.23 22.90 -5.24
C PRO A 87 -17.12 22.16 -4.53
N HIS A 88 -15.96 22.05 -5.16
CA HIS A 88 -14.87 21.26 -4.58
C HIS A 88 -13.56 21.80 -5.11
N SER A 89 -12.47 21.41 -4.43
CA SER A 89 -11.13 21.83 -4.77
C SER A 89 -10.18 20.68 -4.52
N HIS A 90 -9.55 20.14 -5.55
CA HIS A 90 -8.65 19.01 -5.38
C HIS A 90 -7.30 19.50 -4.95
N ASN A 91 -6.89 19.15 -3.72
CA ASN A 91 -5.64 19.65 -3.16
C ASN A 91 -4.71 18.50 -2.86
N ASP A 92 -3.74 18.28 -3.77
CA ASP A 92 -2.76 17.24 -3.64
C ASP A 92 -1.77 17.53 -2.54
N PRO A 93 -1.60 16.67 -1.55
CA PRO A 93 -0.59 16.86 -0.50
C PRO A 93 0.81 16.49 -0.99
N GLY A 94 1.28 17.28 -1.97
CA GLY A 94 2.48 17.08 -2.74
C GLY A 94 2.18 16.52 -4.10
N TRP A 95 2.85 17.07 -5.12
CA TRP A 95 2.80 16.56 -6.50
C TRP A 95 3.85 17.32 -7.30
N ILE A 96 3.53 18.51 -7.81
N ILE A 96 3.50 18.50 -7.83
CA ILE A 96 4.41 19.42 -8.50
CA ILE A 96 4.52 19.29 -8.52
C ILE A 96 5.21 20.29 -7.53
C ILE A 96 5.09 20.36 -7.60
N GLN A 97 4.60 20.52 -6.38
CA GLN A 97 5.21 21.23 -5.27
CA GLN A 97 5.14 21.25 -5.26
C GLN A 97 5.11 20.34 -4.04
N THR A 98 5.88 20.65 -3.01
CA THR A 98 5.77 19.91 -1.77
C THR A 98 4.47 20.28 -1.07
N PHE A 99 4.10 19.48 -0.08
CA PHE A 99 3.01 19.81 0.81
C PHE A 99 3.12 21.23 1.33
N GLU A 100 4.26 21.60 1.89
CA GLU A 100 4.34 22.91 2.53
C GLU A 100 4.30 24.04 1.53
N GLU A 101 4.88 23.89 0.34
CA GLU A 101 4.90 24.80 -0.77
C GLU A 101 3.45 25.03 -1.26
N TYR A 102 2.71 23.95 -1.50
CA TYR A 102 1.31 24.14 -1.87
C TYR A 102 0.50 24.82 -0.77
N TYR A 103 0.79 24.45 0.50
CA TYR A 103 0.06 25.03 1.60
C TYR A 103 0.25 26.57 1.60
N GLN A 104 1.51 26.98 1.47
CA GLN A 104 1.81 28.41 1.51
C GLN A 104 1.31 29.15 0.28
N HIS A 105 1.42 28.54 -0.89
CA HIS A 105 1.08 29.25 -2.13
C HIS A 105 -0.39 29.19 -2.49
N ASP A 106 -1.10 28.13 -2.07
CA ASP A 106 -2.42 27.86 -2.58
C ASP A 106 -3.40 27.49 -1.47
N THR A 107 -3.14 26.39 -0.77
CA THR A 107 -4.18 25.83 0.08
C THR A 107 -4.57 26.74 1.24
N LYS A 108 -3.63 27.45 1.84
CA LYS A 108 -4.04 28.30 2.96
C LYS A 108 -4.98 29.37 2.48
N HIS A 109 -4.78 29.84 1.25
CA HIS A 109 -5.68 30.88 0.71
C HIS A 109 -7.04 30.30 0.32
N ILE A 110 -7.07 29.09 -0.22
CA ILE A 110 -8.33 28.41 -0.51
C ILE A 110 -9.14 28.27 0.75
N LEU A 111 -8.52 27.79 1.83
CA LEU A 111 -9.28 27.56 3.05
C LEU A 111 -9.68 28.86 3.73
N SER A 112 -8.82 29.87 3.73
CA SER A 112 -9.16 31.16 4.31
CA SER A 112 -9.13 31.17 4.28
C SER A 112 -10.33 31.79 3.58
N ASN A 113 -10.27 31.70 2.26
CA ASN A 113 -11.31 32.35 1.47
C ASN A 113 -12.59 31.50 1.49
N ALA A 114 -12.51 30.20 1.64
CA ALA A 114 -13.71 29.39 1.81
C ALA A 114 -14.36 29.81 3.11
N LEU A 115 -13.60 29.98 4.18
CA LEU A 115 -14.24 30.37 5.44
C LEU A 115 -15.02 31.65 5.30
N ARG A 116 -14.40 32.67 4.68
CA ARG A 116 -15.05 33.98 4.49
C ARG A 116 -16.28 33.86 3.61
N HIS A 117 -16.12 33.21 2.46
CA HIS A 117 -17.23 33.23 1.49
C HIS A 117 -18.39 32.36 1.92
N LEU A 118 -18.11 31.23 2.58
CA LEU A 118 -19.24 30.43 3.10
C LEU A 118 -19.90 31.19 4.24
N HIS A 119 -19.09 31.78 5.13
CA HIS A 119 -19.72 32.59 6.19
C HIS A 119 -20.68 33.61 5.64
N ASP A 120 -20.24 34.32 4.63
CA ASP A 120 -21.02 35.43 4.09
C ASP A 120 -22.15 35.05 3.14
N ASN A 121 -22.19 33.82 2.66
CA ASN A 121 -23.13 33.36 1.63
C ASN A 121 -23.78 32.05 2.08
N PRO A 122 -24.83 32.13 2.89
CA PRO A 122 -25.31 30.91 3.56
C PRO A 122 -25.78 29.77 2.70
N GLU A 123 -26.14 30.04 1.44
CA GLU A 123 -26.57 28.91 0.57
C GLU A 123 -25.39 28.29 -0.17
N MET A 124 -24.21 28.89 -0.12
CA MET A 124 -23.06 28.30 -0.78
C MET A 124 -22.56 27.11 0.03
N LYS A 125 -22.01 26.12 -0.64
CA LYS A 125 -21.53 24.90 -0.06
C LYS A 125 -20.13 24.58 -0.63
N PHE A 126 -19.44 23.67 0.09
CA PHE A 126 -18.09 23.28 -0.31
C PHE A 126 -17.79 21.97 0.35
N ILE A 127 -17.09 21.07 -0.33
CA ILE A 127 -16.61 19.84 0.29
C ILE A 127 -15.09 19.83 0.38
N TRP A 128 -14.57 19.12 1.38
CA TRP A 128 -13.15 19.09 1.64
C TRP A 128 -12.74 17.65 1.97
N ALA A 129 -11.70 17.12 1.32
CA ALA A 129 -11.24 15.77 1.49
C ALA A 129 -9.96 15.61 2.30
N GLU A 130 -8.92 16.44 2.14
CA GLU A 130 -7.54 16.13 2.63
C GLU A 130 -7.29 16.76 3.98
N ILE A 131 -7.39 15.92 5.03
CA ILE A 131 -7.32 16.47 6.39
C ILE A 131 -5.92 16.89 6.75
N SER A 132 -4.87 16.34 6.15
CA SER A 132 -3.52 16.84 6.38
C SER A 132 -3.44 18.37 6.21
N TYR A 133 -4.01 18.88 5.11
CA TYR A 133 -4.06 20.30 4.86
C TYR A 133 -4.97 21.03 5.84
N PHE A 134 -6.14 20.46 6.11
CA PHE A 134 -7.08 21.15 6.98
C PHE A 134 -6.53 21.31 8.39
N ALA A 135 -5.86 20.27 8.91
CA ALA A 135 -5.24 20.35 10.21
C ALA A 135 -4.09 21.37 10.21
N ARG A 136 -3.29 21.43 9.16
CA ARG A 136 -2.21 22.41 9.01
C ARG A 136 -2.79 23.81 9.10
N PHE A 137 -3.93 24.04 8.46
CA PHE A 137 -4.60 25.33 8.44
C PHE A 137 -5.20 25.69 9.79
N TYR A 138 -5.99 24.75 10.32
CA TYR A 138 -6.82 25.06 11.47
C TYR A 138 -5.92 25.39 12.64
N HIS A 139 -4.77 24.72 12.75
CA HIS A 139 -4.00 24.98 13.98
C HIS A 139 -3.37 26.33 13.88
N ASP A 140 -3.29 26.98 12.72
CA ASP A 140 -2.74 28.33 12.62
C ASP A 140 -3.77 29.44 12.72
N LEU A 141 -5.02 29.05 12.84
CA LEU A 141 -6.11 29.99 13.06
C LEU A 141 -6.21 30.50 14.49
N GLY A 142 -6.55 31.79 14.56
CA GLY A 142 -6.93 32.38 15.85
C GLY A 142 -8.25 31.79 16.29
N GLU A 143 -8.53 31.94 17.56
CA GLU A 143 -9.73 31.31 18.10
C GLU A 143 -11.00 31.86 17.46
N ASN A 144 -11.07 33.15 17.12
CA ASN A 144 -12.30 33.67 16.49
C ASN A 144 -12.59 32.94 15.19
N LYS A 145 -11.54 32.71 14.39
CA LYS A 145 -11.72 32.03 13.14
C LYS A 145 -11.98 30.54 13.32
N LYS A 146 -11.37 29.91 14.32
CA LYS A 146 -11.68 28.49 14.62
C LYS A 146 -13.15 28.37 14.90
N LEU A 147 -13.69 29.33 15.65
CA LEU A 147 -15.10 29.22 15.98
C LEU A 147 -16.00 29.42 14.76
N GLN A 148 -15.58 30.35 13.91
CA GLN A 148 -16.36 30.55 12.69
C GLN A 148 -16.33 29.31 11.80
N MET A 149 -15.17 28.67 11.74
CA MET A 149 -15.02 27.43 10.96
C MET A 149 -15.91 26.35 11.53
N LYS A 150 -15.91 26.19 12.85
CA LYS A 150 -16.74 25.14 13.45
C LYS A 150 -18.21 25.38 13.11
N SER A 151 -18.65 26.65 13.05
CA SER A 151 -20.06 26.98 12.78
C SER A 151 -20.41 26.64 11.32
N ILE A 152 -19.54 26.87 10.33
CA ILE A 152 -19.95 26.50 8.96
C ILE A 152 -19.90 25.01 8.75
N VAL A 153 -19.19 24.26 9.57
CA VAL A 153 -19.21 22.80 9.52
C VAL A 153 -20.48 22.29 10.20
N LYS A 154 -20.78 22.84 11.38
CA LYS A 154 -21.93 22.41 12.09
C LYS A 154 -23.21 22.68 11.31
N ASN A 155 -23.27 23.81 10.58
CA ASN A 155 -24.49 24.11 9.83
C ASN A 155 -24.54 23.45 8.45
N GLY A 156 -23.51 22.68 8.09
CA GLY A 156 -23.54 21.88 6.85
C GLY A 156 -23.06 22.58 5.61
N GLN A 157 -22.53 23.80 5.69
CA GLN A 157 -22.03 24.45 4.50
C GLN A 157 -20.70 23.87 4.03
N LEU A 158 -19.79 23.62 4.95
CA LEU A 158 -18.51 22.98 4.63
CA LEU A 158 -18.50 22.98 4.69
C LEU A 158 -18.65 21.57 5.16
N GLU A 159 -18.50 20.62 4.24
CA GLU A 159 -18.66 19.19 4.56
C GLU A 159 -17.40 18.42 4.21
N PHE A 160 -16.91 17.67 5.19
CA PHE A 160 -15.79 16.77 4.99
C PHE A 160 -16.26 15.51 4.30
N VAL A 161 -15.51 15.10 3.31
CA VAL A 161 -15.74 13.88 2.54
C VAL A 161 -14.53 12.98 2.74
N THR A 162 -14.80 11.75 3.10
CA THR A 162 -13.86 10.71 3.50
C THR A 162 -13.24 11.08 4.85
N GLY A 163 -12.50 12.17 4.90
CA GLY A 163 -11.88 12.59 6.16
C GLY A 163 -10.57 11.87 6.45
N GLY A 164 -9.95 11.26 5.46
CA GLY A 164 -8.62 10.75 5.66
C GLY A 164 -7.56 11.86 5.63
N TRP A 165 -6.39 11.50 6.16
CA TRP A 165 -5.26 12.42 6.07
C TRP A 165 -4.99 12.83 4.62
N VAL A 166 -5.17 11.88 3.71
CA VAL A 166 -4.98 12.05 2.28
C VAL A 166 -6.15 11.38 1.56
N MET A 167 -6.11 11.45 0.24
CA MET A 167 -6.95 10.60 -0.67
C MET A 167 -5.96 9.56 -1.20
N PRO A 168 -5.92 8.36 -0.62
CA PRO A 168 -4.78 7.49 -0.90
C PRO A 168 -4.80 6.84 -2.27
N ASP A 169 -3.61 6.52 -2.74
CA ASP A 169 -3.46 5.52 -3.76
C ASP A 169 -4.21 4.26 -3.36
N GLU A 170 -4.79 3.58 -4.33
CA GLU A 170 -5.49 2.32 -4.07
C GLU A 170 -4.77 1.09 -4.64
N ALA A 171 -3.71 1.31 -5.43
CA ALA A 171 -3.00 0.22 -6.06
C ALA A 171 -1.85 -0.34 -5.23
N ASN A 172 -0.98 0.54 -4.76
CA ASN A 172 0.28 0.16 -4.11
C ASN A 172 0.15 0.14 -2.59
N SER A 173 -0.83 0.83 -2.06
CA SER A 173 -1.00 0.98 -0.59
C SER A 173 -1.37 -0.32 0.06
N HIS A 174 -0.78 -0.53 1.24
CA HIS A 174 -1.19 -1.65 2.06
C HIS A 174 -2.45 -1.25 2.83
N TRP A 175 -3.40 -2.20 2.97
CA TRP A 175 -4.65 -1.88 3.69
C TRP A 175 -4.37 -1.35 5.10
N ARG A 176 -3.30 -1.82 5.75
CA ARG A 176 -3.02 -1.33 7.09
C ARG A 176 -2.76 0.17 7.07
N ASN A 177 -2.08 0.65 6.03
CA ASN A 177 -1.77 2.10 5.92
C ASN A 177 -2.94 2.92 5.39
N VAL A 178 -3.80 2.30 4.58
CA VAL A 178 -5.05 2.97 4.24
C VAL A 178 -5.86 3.21 5.50
N LEU A 179 -5.97 2.21 6.38
CA LEU A 179 -6.64 2.39 7.65
C LEU A 179 -5.95 3.40 8.53
N LEU A 180 -4.62 3.37 8.57
CA LEU A 180 -3.87 4.31 9.40
C LEU A 180 -4.20 5.74 9.01
N GLN A 181 -4.15 6.07 7.71
CA GLN A 181 -4.35 7.43 7.31
C GLN A 181 -5.79 7.88 7.50
N LEU A 182 -6.73 6.94 7.26
CA LEU A 182 -8.14 7.22 7.49
C LEU A 182 -8.35 7.57 8.95
N THR A 183 -7.75 6.77 9.83
CA THR A 183 -7.91 6.98 11.27
C THR A 183 -7.27 8.28 11.68
N GLU A 184 -6.12 8.63 11.11
CA GLU A 184 -5.43 9.87 11.47
C GLU A 184 -6.32 11.07 11.16
N GLY A 185 -6.89 11.12 9.96
CA GLY A 185 -7.78 12.20 9.61
C GLY A 185 -9.08 12.22 10.39
N GLN A 186 -9.70 11.06 10.55
CA GLN A 186 -11.01 11.05 11.22
C GLN A 186 -10.85 11.32 12.71
N THR A 187 -9.74 10.88 13.33
CA THR A 187 -9.57 11.18 14.74
C THR A 187 -9.41 12.67 14.92
N TRP A 188 -8.67 13.32 14.04
CA TRP A 188 -8.55 14.77 14.06
C TRP A 188 -9.91 15.43 13.94
N LEU A 189 -10.68 15.02 12.95
CA LEU A 189 -11.99 15.60 12.75
C LEU A 189 -12.90 15.41 13.94
N LYS A 190 -12.89 14.26 14.55
CA LYS A 190 -13.77 14.04 15.70
C LYS A 190 -13.40 14.99 16.84
N GLN A 191 -12.11 15.10 17.11
CA GLN A 191 -11.60 15.93 18.18
C GLN A 191 -11.85 17.40 17.96
N PHE A 192 -11.60 17.91 16.78
CA PHE A 192 -11.63 19.36 16.57
C PHE A 192 -12.88 19.86 15.89
N MET A 193 -13.54 19.09 15.05
CA MET A 193 -14.72 19.49 14.29
CA MET A 193 -14.74 19.58 14.37
C MET A 193 -15.97 18.78 14.74
N ASN A 194 -15.88 17.75 15.58
CA ASN A 194 -17.02 16.97 16.04
C ASN A 194 -17.85 16.41 14.91
N VAL A 195 -17.16 15.89 13.89
CA VAL A 195 -17.89 15.22 12.80
C VAL A 195 -17.11 13.98 12.36
N THR A 196 -17.82 13.01 11.81
CA THR A 196 -17.24 11.79 11.25
C THR A 196 -17.91 11.56 9.91
N PRO A 197 -17.22 11.78 8.81
CA PRO A 197 -17.86 11.56 7.50
C PRO A 197 -18.30 10.14 7.32
N THR A 198 -19.41 9.98 6.57
CA THR A 198 -19.93 8.70 6.19
C THR A 198 -20.05 8.55 4.68
N ALA A 199 -19.59 9.54 3.93
CA ALA A 199 -19.50 9.49 2.46
C ALA A 199 -18.03 9.73 2.08
N SER A 200 -17.54 8.91 1.14
CA SER A 200 -16.19 9.00 0.65
C SER A 200 -16.13 9.56 -0.75
N TRP A 201 -15.08 10.32 -1.03
CA TRP A 201 -14.83 11.01 -2.30
C TRP A 201 -13.44 10.66 -2.79
N ALA A 202 -13.34 9.89 -3.86
CA ALA A 202 -12.01 9.47 -4.41
C ALA A 202 -12.01 9.74 -5.91
N ILE A 203 -11.67 11.00 -6.26
CA ILE A 203 -11.78 11.46 -7.64
C ILE A 203 -10.50 11.32 -8.46
N ASP A 204 -9.37 11.13 -7.82
CA ASP A 204 -8.08 11.11 -8.53
C ASP A 204 -7.24 9.86 -8.43
N PRO A 205 -7.37 8.88 -7.51
CA PRO A 205 -6.51 7.69 -7.57
C PRO A 205 -6.64 7.01 -8.95
N PHE A 206 -5.55 6.37 -9.37
CA PHE A 206 -5.45 5.92 -10.76
C PHE A 206 -5.95 4.49 -10.89
N GLY A 207 -7.25 4.33 -10.82
CA GLY A 207 -7.94 3.05 -10.67
C GLY A 207 -8.31 2.82 -9.23
N HIS A 208 -9.24 1.89 -8.99
CA HIS A 208 -9.87 1.74 -7.69
C HIS A 208 -9.94 0.31 -7.24
N SER A 209 -9.78 0.13 -5.91
CA SER A 209 -9.72 -1.15 -5.26
C SER A 209 -10.88 -1.42 -4.34
N PRO A 210 -11.40 -2.66 -4.30
CA PRO A 210 -12.46 -3.00 -3.34
C PRO A 210 -11.96 -3.00 -1.89
N THR A 211 -10.66 -2.86 -1.64
CA THR A 211 -10.24 -2.70 -0.27
C THR A 211 -10.84 -1.45 0.35
N MET A 212 -11.09 -0.42 -0.47
CA MET A 212 -11.68 0.80 0.05
C MET A 212 -13.06 0.58 0.63
N PRO A 213 -14.05 0.06 -0.11
CA PRO A 213 -15.35 -0.18 0.54
C PRO A 213 -15.23 -1.15 1.68
N TYR A 214 -14.28 -2.11 1.62
CA TYR A 214 -14.10 -3.01 2.76
C TYR A 214 -13.82 -2.25 4.05
N ILE A 215 -12.81 -1.38 4.02
CA ILE A 215 -12.42 -0.63 5.17
C ILE A 215 -13.50 0.38 5.53
N LEU A 216 -14.02 1.10 4.53
CA LEU A 216 -14.98 2.17 4.80
C LEU A 216 -16.25 1.61 5.43
N GLN A 217 -16.77 0.50 4.93
CA GLN A 217 -17.99 -0.07 5.47
C GLN A 217 -17.79 -0.51 6.93
N LYS A 218 -16.62 -0.91 7.32
CA LYS A 218 -16.27 -1.30 8.67
C LYS A 218 -15.88 -0.09 9.54
N SER A 219 -15.95 1.10 8.97
CA SER A 219 -15.62 2.36 9.61
C SER A 219 -16.79 3.32 9.58
N GLY A 220 -18.02 2.80 9.47
CA GLY A 220 -19.23 3.56 9.58
C GLY A 220 -19.76 4.16 8.30
N PHE A 221 -19.07 4.00 7.19
CA PHE A 221 -19.51 4.66 5.94
C PHE A 221 -20.74 4.01 5.38
N LYS A 222 -21.47 4.84 4.65
CA LYS A 222 -22.69 4.42 3.97
C LYS A 222 -22.61 4.62 2.47
N ASN A 223 -21.69 5.43 1.93
CA ASN A 223 -21.66 5.75 0.50
C ASN A 223 -20.23 6.11 0.09
N MET A 224 -19.90 5.87 -1.16
CA MET A 224 -18.61 6.28 -1.66
C MET A 224 -18.73 6.67 -3.15
N LEU A 225 -17.76 7.45 -3.61
CA LEU A 225 -17.71 7.92 -4.99
C LEU A 225 -16.32 7.67 -5.55
N ILE A 226 -16.27 7.24 -6.80
CA ILE A 226 -15.03 7.00 -7.54
C ILE A 226 -15.14 7.60 -8.92
N GLN A 227 -13.97 7.83 -9.55
CA GLN A 227 -13.88 8.49 -10.84
C GLN A 227 -12.99 7.78 -11.84
N ARG A 228 -11.76 7.41 -11.53
CA ARG A 228 -10.80 6.98 -12.56
C ARG A 228 -10.93 5.49 -12.78
N THR A 229 -11.86 5.15 -13.66
CA THR A 229 -12.05 3.80 -14.16
C THR A 229 -11.92 3.83 -15.68
N HIS A 230 -11.55 2.69 -16.21
CA HIS A 230 -11.29 2.57 -17.67
C HIS A 230 -12.43 3.13 -18.47
N TYR A 231 -12.16 3.91 -19.50
CA TYR A 231 -13.20 4.53 -20.29
C TYR A 231 -14.16 3.50 -20.84
N SER A 232 -13.71 2.31 -21.16
CA SER A 232 -14.62 1.30 -21.72
C SER A 232 -15.58 0.79 -20.66
N VAL A 233 -15.12 0.69 -19.42
CA VAL A 233 -15.99 0.31 -18.30
C VAL A 233 -17.06 1.38 -18.07
N LYS A 234 -16.69 2.67 -18.11
CA LYS A 234 -17.67 3.73 -17.96
C LYS A 234 -18.72 3.58 -19.04
N LYS A 235 -18.34 3.35 -20.29
CA LYS A 235 -19.34 3.21 -21.36
C LYS A 235 -20.27 2.04 -21.12
N GLU A 236 -19.71 0.90 -20.78
CA GLU A 236 -20.49 -0.30 -20.57
C GLU A 236 -21.48 -0.13 -19.44
N LEU A 237 -21.00 0.36 -18.31
CA LEU A 237 -21.91 0.49 -17.15
C LEU A 237 -22.90 1.59 -17.41
N ALA A 238 -22.53 2.67 -18.09
CA ALA A 238 -23.48 3.72 -18.40
C ALA A 238 -24.64 3.22 -19.25
N GLN A 239 -24.35 2.35 -20.20
CA GLN A 239 -25.38 1.85 -21.12
C GLN A 239 -26.42 1.03 -20.34
N GLN A 240 -26.04 0.45 -19.24
CA GLN A 240 -26.92 -0.39 -18.43
C GLN A 240 -27.40 0.34 -17.18
N ARG A 241 -27.08 1.64 -17.06
CA ARG A 241 -27.37 2.37 -15.86
C ARG A 241 -26.88 1.63 -14.61
N GLN A 242 -25.62 1.18 -14.69
CA GLN A 242 -24.97 0.44 -13.60
C GLN A 242 -23.80 1.23 -13.03
N LEU A 243 -23.85 2.57 -13.11
CA LEU A 243 -22.80 3.41 -12.56
C LEU A 243 -22.97 3.64 -11.06
N GLU A 244 -24.13 3.36 -10.51
CA GLU A 244 -24.35 3.29 -9.07
C GLU A 244 -24.66 1.85 -8.73
N PHE A 245 -23.96 1.32 -7.75
CA PHE A 245 -24.00 -0.11 -7.43
C PHE A 245 -23.65 -0.35 -5.98
N LEU A 246 -24.09 -1.52 -5.48
CA LEU A 246 -23.75 -1.98 -4.16
C LEU A 246 -22.50 -2.82 -4.31
N TRP A 247 -21.36 -2.24 -3.93
CA TRP A 247 -20.04 -2.90 -4.16
C TRP A 247 -19.72 -3.80 -2.97
N ARG A 248 -19.76 -5.12 -3.22
CA ARG A 248 -19.43 -6.10 -2.21
C ARG A 248 -18.10 -6.74 -2.53
N GLN A 249 -17.51 -7.39 -1.53
CA GLN A 249 -16.27 -8.14 -1.76
C GLN A 249 -16.50 -9.38 -2.61
N ILE A 250 -15.44 -9.76 -3.31
CA ILE A 250 -15.53 -10.82 -4.31
C ILE A 250 -15.95 -12.16 -3.68
N TRP A 251 -15.68 -12.37 -2.40
CA TRP A 251 -16.03 -13.67 -1.78
C TRP A 251 -17.40 -13.63 -1.08
N ASP A 252 -18.03 -12.46 -1.00
CA ASP A 252 -19.13 -12.25 -0.08
C ASP A 252 -20.45 -12.72 -0.65
N ASN A 253 -20.85 -13.89 -0.19
N ASN A 253 -20.96 -13.89 -0.26
CA ASN A 253 -22.05 -14.52 -0.65
CA ASN A 253 -22.21 -14.35 -0.87
C ASN A 253 -23.32 -13.77 -0.24
C ASN A 253 -23.43 -13.68 -0.28
N LYS A 254 -23.36 -13.27 0.96
CA LYS A 254 -24.57 -12.71 1.60
C LYS A 254 -24.77 -11.25 1.30
N GLY A 255 -23.66 -10.53 1.15
CA GLY A 255 -23.75 -9.09 0.86
C GLY A 255 -23.49 -8.15 2.02
N ASP A 256 -23.07 -8.67 3.17
CA ASP A 256 -22.96 -7.81 4.33
C ASP A 256 -21.83 -6.80 4.17
N THR A 257 -20.88 -7.02 3.27
CA THR A 257 -19.81 -6.05 3.00
C THR A 257 -20.23 -4.92 2.07
N ALA A 258 -21.43 -4.98 1.48
CA ALA A 258 -21.76 -4.03 0.42
C ALA A 258 -21.75 -2.59 0.88
N LEU A 259 -21.24 -1.74 0.01
CA LEU A 259 -21.25 -0.30 0.16
C LEU A 259 -21.73 0.38 -1.11
N PHE A 260 -22.77 1.25 -0.98
CA PHE A 260 -23.25 1.97 -2.14
C PHE A 260 -22.15 2.86 -2.73
N THR A 261 -21.96 2.71 -4.03
CA THR A 261 -20.88 3.35 -4.76
C THR A 261 -21.45 4.08 -5.97
N HIS A 262 -20.98 5.32 -6.17
CA HIS A 262 -21.28 6.10 -7.34
C HIS A 262 -20.00 6.22 -8.18
N MET A 263 -20.03 5.75 -9.41
CA MET A 263 -18.96 5.99 -10.38
C MET A 263 -19.34 7.14 -11.26
N MET A 264 -18.49 8.16 -11.34
N MET A 264 -18.51 8.17 -11.34
CA MET A 264 -18.77 9.27 -12.26
CA MET A 264 -18.74 9.29 -12.24
C MET A 264 -18.54 8.78 -13.70
C MET A 264 -18.54 8.80 -13.68
N PRO A 265 -19.24 9.36 -14.67
CA PRO A 265 -19.27 8.73 -15.99
C PRO A 265 -18.29 9.18 -17.05
N PHE A 266 -17.63 10.32 -16.84
CA PHE A 266 -16.90 11.01 -17.89
C PHE A 266 -15.38 10.96 -17.63
N TYR A 267 -14.63 11.61 -18.49
CA TYR A 267 -13.20 11.46 -18.59
C TYR A 267 -12.44 12.09 -17.45
N SER A 268 -12.97 13.11 -16.82
CA SER A 268 -12.27 13.82 -15.73
C SER A 268 -13.28 14.27 -14.71
N TYR A 269 -12.78 14.74 -13.55
CA TYR A 269 -13.55 15.44 -12.56
C TYR A 269 -13.61 16.92 -12.75
N ASP A 270 -13.00 17.55 -13.74
CA ASP A 270 -12.92 18.98 -14.01
C ASP A 270 -14.30 19.38 -14.50
N ILE A 271 -14.50 20.69 -14.54
CA ILE A 271 -15.87 21.20 -14.87
C ILE A 271 -16.26 20.81 -16.29
N PRO A 272 -15.40 20.87 -17.30
CA PRO A 272 -15.79 20.41 -18.64
C PRO A 272 -16.32 18.97 -18.67
N HIS A 273 -15.87 18.12 -17.76
CA HIS A 273 -16.28 16.70 -17.78
C HIS A 273 -17.20 16.29 -16.62
N THR A 274 -17.88 17.31 -16.04
CA THR A 274 -18.79 16.97 -14.94
C THR A 274 -20.19 17.53 -15.14
N CYS A 275 -20.47 18.46 -16.07
CA CYS A 275 -21.81 18.98 -16.19
C CYS A 275 -22.70 18.09 -17.07
N GLY A 276 -22.10 17.27 -17.92
CA GLY A 276 -22.80 16.60 -18.99
C GLY A 276 -21.80 16.08 -19.98
N PRO A 277 -22.30 15.45 -21.06
CA PRO A 277 -21.43 14.73 -21.98
C PRO A 277 -20.62 15.57 -22.93
N ASP A 278 -20.97 16.83 -23.14
CA ASP A 278 -20.27 17.67 -24.12
C ASP A 278 -19.34 18.67 -23.47
N PRO A 279 -18.03 18.41 -23.45
CA PRO A 279 -17.14 19.33 -22.74
C PRO A 279 -17.08 20.71 -23.36
N LYS A 280 -17.38 20.86 -24.65
CA LYS A 280 -17.38 22.16 -25.28
C LYS A 280 -18.46 23.02 -24.66
N VAL A 281 -19.55 22.38 -24.27
CA VAL A 281 -20.64 23.10 -23.60
C VAL A 281 -20.31 23.29 -22.12
N CYS A 282 -19.91 22.23 -21.41
CA CYS A 282 -19.64 22.34 -19.98
C CYS A 282 -18.55 23.35 -19.64
N CYS A 283 -17.53 23.50 -20.51
CA CYS A 283 -16.47 24.45 -20.25
C CYS A 283 -16.96 25.85 -20.15
N GLN A 284 -18.08 26.17 -20.82
CA GLN A 284 -18.70 27.46 -20.80
C GLN A 284 -19.33 27.77 -19.45
N PHE A 285 -19.36 26.81 -18.56
CA PHE A 285 -19.95 26.97 -17.24
C PHE A 285 -18.86 26.84 -16.16
N ASP A 286 -17.61 26.96 -16.57
CA ASP A 286 -16.49 27.11 -15.63
C ASP A 286 -16.10 28.58 -15.71
N PHE A 287 -16.62 29.38 -14.78
CA PHE A 287 -16.54 30.83 -14.92
C PHE A 287 -15.17 31.37 -14.57
N LYS A 288 -14.21 30.51 -14.17
CA LYS A 288 -12.81 30.92 -14.09
C LYS A 288 -12.10 30.95 -15.42
N ARG A 289 -12.71 30.54 -16.52
CA ARG A 289 -12.00 30.48 -17.81
C ARG A 289 -12.28 31.67 -18.73
N MET A 290 -12.60 32.88 -18.27
CA MET A 290 -12.94 33.91 -19.29
C MET A 290 -11.72 34.79 -19.66
N GLY A 291 -10.57 34.54 -18.98
CA GLY A 291 -9.33 35.22 -19.39
C GLY A 291 -8.43 35.84 -18.33
N SER A 292 -8.95 36.59 -17.37
CA SER A 292 -8.19 37.26 -16.33
C SER A 292 -7.49 36.32 -15.37
N PHE A 293 -7.94 35.09 -15.30
CA PHE A 293 -7.31 34.07 -14.45
C PHE A 293 -6.27 33.26 -15.20
N GLY A 294 -6.03 33.60 -16.48
CA GLY A 294 -5.04 32.78 -17.18
C GLY A 294 -5.46 31.41 -17.64
N LEU A 295 -6.75 31.15 -17.71
CA LEU A 295 -7.34 29.91 -18.13
C LEU A 295 -8.27 30.22 -19.32
N SER A 296 -8.48 29.20 -20.12
CA SER A 296 -9.35 29.30 -21.28
C SER A 296 -9.94 27.93 -21.55
N CYS A 297 -10.85 27.84 -22.55
CA CYS A 297 -11.49 26.58 -22.95
C CYS A 297 -10.85 26.00 -24.22
N PRO A 298 -10.26 24.83 -24.16
CA PRO A 298 -9.64 24.25 -25.34
C PRO A 298 -10.63 24.00 -26.49
N TRP A 299 -11.92 23.93 -26.19
CA TRP A 299 -12.94 23.74 -27.25
C TRP A 299 -13.30 25.08 -27.91
N LYS A 300 -12.65 26.19 -27.51
CA LYS A 300 -12.65 27.47 -28.23
C LYS A 300 -13.92 28.26 -28.05
N VAL A 301 -14.83 27.90 -27.16
CA VAL A 301 -16.03 28.70 -26.84
C VAL A 301 -15.89 29.11 -25.38
N PRO A 302 -15.67 30.37 -25.05
CA PRO A 302 -15.42 30.76 -23.67
C PRO A 302 -16.73 30.79 -22.88
N PRO A 303 -16.62 30.78 -21.54
CA PRO A 303 -17.78 31.11 -20.73
C PRO A 303 -18.18 32.56 -20.99
N ARG A 304 -19.48 32.83 -20.80
CA ARG A 304 -20.02 34.18 -20.82
C ARG A 304 -20.70 34.47 -19.48
N THR A 305 -20.45 35.68 -19.00
CA THR A 305 -21.15 36.13 -17.80
C THR A 305 -22.65 36.05 -17.95
N ILE A 306 -23.34 35.49 -16.97
CA ILE A 306 -24.79 35.33 -17.06
C ILE A 306 -25.45 36.67 -16.80
N SER A 307 -26.39 37.02 -17.68
CA SER A 307 -27.14 38.26 -17.53
C SER A 307 -28.59 37.97 -17.78
N ASP A 308 -29.48 38.94 -17.54
CA ASP A 308 -30.88 38.67 -17.85
C ASP A 308 -31.11 38.44 -19.33
N GLN A 309 -30.36 38.99 -20.26
CA GLN A 309 -30.46 38.89 -21.71
C GLN A 309 -30.02 37.50 -22.19
N ASN A 310 -29.11 36.79 -21.51
CA ASN A 310 -28.66 35.48 -22.01
C ASN A 310 -29.07 34.33 -21.10
N VAL A 311 -29.66 34.58 -19.94
CA VAL A 311 -29.83 33.47 -18.97
C VAL A 311 -30.78 32.43 -19.50
N ALA A 312 -31.81 32.76 -20.27
CA ALA A 312 -32.67 31.72 -20.81
C ALA A 312 -31.92 30.83 -21.77
N ALA A 313 -31.14 31.41 -22.68
CA ALA A 313 -30.36 30.55 -23.58
C ALA A 313 -29.32 29.74 -22.88
N ARG A 314 -28.61 30.36 -21.94
CA ARG A 314 -27.55 29.65 -21.24
C ARG A 314 -28.13 28.53 -20.42
N SER A 315 -29.29 28.80 -19.79
CA SER A 315 -29.99 27.73 -19.03
C SER A 315 -30.47 26.61 -19.92
N ASP A 316 -30.95 26.92 -21.12
CA ASP A 316 -31.40 25.78 -21.93
CA ASP A 316 -31.33 25.94 -22.13
C ASP A 316 -30.22 24.89 -22.29
N LEU A 317 -29.05 25.48 -22.54
CA LEU A 317 -27.83 24.67 -22.83
C LEU A 317 -27.45 23.79 -21.67
N LEU A 318 -27.43 24.43 -20.50
CA LEU A 318 -26.95 23.72 -19.29
C LEU A 318 -27.94 22.66 -18.85
N VAL A 319 -29.24 22.96 -18.86
CA VAL A 319 -30.25 21.95 -18.45
C VAL A 319 -30.19 20.78 -19.39
N ASP A 320 -29.99 21.03 -20.67
CA ASP A 320 -29.91 19.89 -21.61
C ASP A 320 -28.72 19.01 -21.28
N GLN A 321 -27.58 19.56 -20.93
CA GLN A 321 -26.44 18.75 -20.47
C GLN A 321 -26.80 17.93 -19.23
N TRP A 322 -27.42 18.60 -18.27
CA TRP A 322 -27.84 17.90 -17.04
C TRP A 322 -28.79 16.75 -17.33
N LYS A 323 -29.78 16.97 -18.21
CA LYS A 323 -30.73 15.91 -18.49
C LYS A 323 -30.08 14.78 -19.24
N LYS A 324 -29.10 15.05 -20.07
CA LYS A 324 -28.36 13.92 -20.68
C LYS A 324 -27.58 13.17 -19.65
N LYS A 325 -26.87 13.83 -18.75
CA LYS A 325 -26.16 13.10 -17.69
C LYS A 325 -27.13 12.25 -16.87
N ALA A 326 -28.29 12.82 -16.55
CA ALA A 326 -29.28 12.10 -15.76
C ALA A 326 -29.76 10.81 -16.37
N GLU A 327 -29.70 10.71 -17.71
CA GLU A 327 -30.10 9.50 -18.40
C GLU A 327 -29.24 8.32 -18.02
N LEU A 328 -28.04 8.57 -17.52
CA LEU A 328 -27.08 7.51 -17.21
C LEU A 328 -27.32 6.90 -15.84
N TYR A 329 -28.24 7.42 -15.07
CA TYR A 329 -28.48 7.07 -13.67
C TYR A 329 -29.95 6.78 -13.46
N ARG A 330 -30.27 6.10 -12.34
CA ARG A 330 -31.59 5.54 -12.15
C ARG A 330 -32.55 6.39 -11.37
N THR A 331 -32.11 7.41 -10.67
CA THR A 331 -33.01 8.28 -9.91
C THR A 331 -33.17 9.63 -10.56
N ASN A 332 -34.05 10.47 -10.02
CA ASN A 332 -34.22 11.84 -10.42
C ASN A 332 -33.42 12.84 -9.63
N VAL A 333 -32.30 12.44 -9.11
CA VAL A 333 -31.35 13.17 -8.27
C VAL A 333 -30.02 13.09 -8.96
N LEU A 334 -29.46 14.26 -9.33
CA LEU A 334 -28.26 14.32 -10.13
C LEU A 334 -27.10 15.01 -9.41
N LEU A 335 -25.95 14.41 -9.48
CA LEU A 335 -24.72 14.99 -8.89
C LEU A 335 -23.93 15.75 -9.96
N ILE A 336 -23.66 17.01 -9.74
CA ILE A 336 -22.83 17.87 -10.59
C ILE A 336 -21.68 18.44 -9.77
N PRO A 337 -20.53 17.74 -9.73
CA PRO A 337 -19.35 18.36 -9.10
C PRO A 337 -18.99 19.66 -9.83
N LEU A 338 -18.47 20.64 -9.09
CA LEU A 338 -18.05 21.92 -9.63
C LEU A 338 -16.67 22.28 -9.04
N GLY A 339 -15.60 21.86 -9.73
CA GLY A 339 -14.26 22.10 -9.20
C GLY A 339 -13.21 21.48 -10.06
N ASP A 340 -11.96 21.64 -9.58
CA ASP A 340 -10.78 21.25 -10.28
C ASP A 340 -9.61 21.42 -9.30
N ASP A 341 -8.39 21.19 -9.77
CA ASP A 341 -7.20 21.22 -8.92
C ASP A 341 -6.97 22.59 -8.36
N PHE A 342 -6.82 22.63 -7.04
CA PHE A 342 -6.51 23.88 -6.30
C PHE A 342 -7.39 25.03 -6.72
N ARG A 343 -8.67 24.73 -6.93
CA ARG A 343 -9.68 25.74 -7.20
C ARG A 343 -10.16 26.44 -5.92
N PHE A 344 -10.89 27.51 -6.14
CA PHE A 344 -11.52 28.33 -5.10
C PHE A 344 -10.49 29.01 -4.20
N LYS A 345 -9.49 29.56 -4.88
CA LYS A 345 -8.37 30.28 -4.23
C LYS A 345 -8.71 31.75 -4.07
N GLN A 346 -8.86 32.47 -5.14
CA GLN A 346 -9.03 33.90 -5.08
C GLN A 346 -10.44 34.30 -4.68
N ASN A 347 -10.65 35.40 -3.99
CA ASN A 347 -12.00 35.88 -3.73
C ASN A 347 -12.76 36.15 -5.03
N THR A 348 -12.11 36.67 -6.07
CA THR A 348 -12.79 36.94 -7.34
C THR A 348 -13.26 35.63 -7.97
N GLU A 349 -12.60 34.54 -7.69
CA GLU A 349 -13.02 33.26 -8.23
C GLU A 349 -14.25 32.73 -7.53
N TRP A 350 -14.26 32.84 -6.20
CA TRP A 350 -15.47 32.50 -5.45
C TRP A 350 -16.66 33.27 -6.01
N ASP A 351 -16.49 34.59 -6.19
CA ASP A 351 -17.58 35.39 -6.69
C ASP A 351 -17.99 35.02 -8.10
N VAL A 352 -17.06 34.81 -9.01
CA VAL A 352 -17.50 34.58 -10.38
C VAL A 352 -18.23 33.26 -10.52
N GLN A 353 -17.84 32.22 -9.76
CA GLN A 353 -18.58 30.97 -9.84
C GLN A 353 -19.91 31.12 -9.14
N ARG A 354 -19.95 31.65 -7.91
CA ARG A 354 -21.16 31.72 -7.16
C ARG A 354 -22.23 32.59 -7.83
N VAL A 355 -21.84 33.80 -8.25
CA VAL A 355 -22.87 34.74 -8.74
C VAL A 355 -23.48 34.23 -10.03
N ASN A 356 -22.66 33.65 -10.90
CA ASN A 356 -23.18 33.16 -12.19
C ASN A 356 -24.08 31.96 -11.95
N TYR A 357 -23.67 31.00 -11.11
CA TYR A 357 -24.57 29.89 -10.81
C TYR A 357 -25.81 30.35 -10.10
N GLU A 358 -25.75 31.30 -9.17
CA GLU A 358 -26.98 31.77 -8.58
C GLU A 358 -27.96 32.33 -9.62
N ARG A 359 -27.48 33.04 -10.63
CA ARG A 359 -28.39 33.54 -11.65
CA ARG A 359 -28.37 33.55 -11.66
C ARG A 359 -29.01 32.41 -12.44
N LEU A 360 -28.20 31.40 -12.75
CA LEU A 360 -28.77 30.23 -13.44
C LEU A 360 -29.81 29.56 -12.57
N PHE A 361 -29.56 29.30 -11.28
CA PHE A 361 -30.54 28.61 -10.48
C PHE A 361 -31.82 29.41 -10.36
N GLU A 362 -31.73 30.74 -10.18
CA GLU A 362 -32.96 31.52 -10.08
C GLU A 362 -33.81 31.33 -11.33
N HIS A 363 -33.17 31.44 -12.49
CA HIS A 363 -33.94 31.25 -13.76
C HIS A 363 -34.49 29.86 -13.92
N ILE A 364 -33.63 28.88 -13.84
CA ILE A 364 -34.03 27.48 -14.05
C ILE A 364 -35.15 27.07 -13.10
N ASN A 365 -35.00 27.42 -11.82
CA ASN A 365 -35.94 26.92 -10.79
C ASN A 365 -37.29 27.60 -10.90
N SER A 366 -37.33 28.77 -11.53
CA SER A 366 -38.58 29.54 -11.64
C SER A 366 -39.29 29.26 -12.97
N GLN A 367 -38.63 28.53 -13.87
CA GLN A 367 -39.25 28.31 -15.19
C GLN A 367 -39.76 26.89 -15.21
N ALA A 368 -41.08 26.76 -15.06
CA ALA A 368 -41.65 25.45 -14.81
C ALA A 368 -41.35 24.48 -15.94
N HIS A 369 -41.21 24.97 -17.17
CA HIS A 369 -41.03 24.09 -18.31
C HIS A 369 -39.77 23.26 -18.17
N PHE A 370 -38.76 23.66 -17.41
CA PHE A 370 -37.57 22.81 -17.24
C PHE A 370 -37.83 21.62 -16.32
N ASN A 371 -38.78 21.78 -15.37
CA ASN A 371 -39.01 20.77 -14.36
C ASN A 371 -37.74 20.34 -13.62
N VAL A 372 -36.96 21.33 -13.23
CA VAL A 372 -35.70 21.17 -12.52
C VAL A 372 -35.70 22.02 -11.25
N GLN A 373 -35.15 21.45 -10.17
CA GLN A 373 -34.79 22.21 -8.97
C GLN A 373 -33.31 22.04 -8.73
N ALA A 374 -32.54 23.09 -8.89
CA ALA A 374 -31.09 23.02 -8.80
C ALA A 374 -30.57 23.90 -7.69
N GLN A 375 -29.51 23.43 -7.01
CA GLN A 375 -28.98 24.17 -5.89
C GLN A 375 -27.55 23.73 -5.63
N PHE A 376 -26.80 24.57 -4.92
CA PHE A 376 -25.55 24.07 -4.35
C PHE A 376 -25.85 23.03 -3.32
N GLY A 377 -25.01 22.00 -3.26
CA GLY A 377 -25.20 20.97 -2.26
C GLY A 377 -23.86 20.36 -1.86
N THR A 378 -23.98 19.45 -0.90
CA THR A 378 -22.82 18.65 -0.51
C THR A 378 -23.00 17.22 -0.98
N LEU A 379 -21.92 16.42 -0.81
CA LEU A 379 -21.95 15.04 -1.23
C LEU A 379 -22.98 14.22 -0.46
N GLN A 380 -22.98 14.41 0.87
CA GLN A 380 -23.96 13.68 1.67
C GLN A 380 -25.39 14.05 1.30
N GLU A 381 -25.64 15.31 0.96
CA GLU A 381 -26.97 15.71 0.54
C GLU A 381 -27.39 14.96 -0.71
N TYR A 382 -26.48 14.81 -1.67
CA TYR A 382 -26.76 14.01 -2.87
C TYR A 382 -27.15 12.58 -2.48
N PHE A 383 -26.33 11.89 -1.71
CA PHE A 383 -26.60 10.51 -1.36
C PHE A 383 -27.88 10.36 -0.56
N ASP A 384 -28.12 11.29 0.38
CA ASP A 384 -29.37 11.18 1.12
C ASP A 384 -30.57 11.24 0.20
N ALA A 385 -30.55 12.12 -0.78
CA ALA A 385 -31.65 12.26 -1.69
C ALA A 385 -31.76 11.02 -2.60
N VAL A 386 -30.63 10.45 -3.03
CA VAL A 386 -30.67 9.22 -3.80
C VAL A 386 -31.37 8.13 -3.01
N HIS A 387 -31.00 7.96 -1.77
CA HIS A 387 -31.61 6.87 -1.00
C HIS A 387 -33.07 7.15 -0.62
N GLN A 388 -33.46 8.41 -0.52
CA GLN A 388 -34.88 8.71 -0.33
C GLN A 388 -35.63 8.27 -1.56
N ALA A 389 -35.11 8.48 -2.75
CA ALA A 389 -35.74 8.01 -3.98
C ALA A 389 -35.86 6.49 -4.02
N GLU A 390 -34.76 5.83 -3.67
CA GLU A 390 -34.75 4.36 -3.60
C GLU A 390 -35.80 3.85 -2.64
N ARG A 391 -35.88 4.40 -1.43
CA ARG A 391 -36.89 3.95 -0.45
C ARG A 391 -38.28 4.22 -0.96
N ALA A 392 -38.50 5.22 -1.80
CA ALA A 392 -39.83 5.47 -2.35
C ALA A 392 -40.13 4.57 -3.51
N GLY A 393 -39.19 3.67 -3.86
CA GLY A 393 -39.46 2.67 -4.88
C GLY A 393 -39.10 3.12 -6.27
N GLN A 394 -38.27 4.19 -6.35
CA GLN A 394 -38.13 4.73 -7.71
C GLN A 394 -36.97 4.06 -8.40
N ALA A 395 -36.12 3.34 -7.68
CA ALA A 395 -34.95 2.72 -8.25
C ALA A 395 -34.55 1.50 -7.42
N GLU A 396 -33.92 0.53 -8.08
CA GLU A 396 -33.25 -0.61 -7.49
C GLU A 396 -31.86 -0.61 -8.06
N PHE A 397 -30.87 -0.83 -7.19
CA PHE A 397 -29.52 -0.76 -7.69
C PHE A 397 -28.87 -2.14 -7.85
N PRO A 398 -28.01 -2.28 -8.82
CA PRO A 398 -27.32 -3.54 -9.05
C PRO A 398 -26.24 -3.78 -8.03
N THR A 399 -25.90 -5.09 -7.88
CA THR A 399 -24.79 -5.51 -7.08
C THR A 399 -23.57 -5.73 -7.96
N LEU A 400 -22.38 -5.46 -7.39
CA LEU A 400 -21.13 -5.54 -8.14
C LEU A 400 -20.05 -6.10 -7.23
N SER A 401 -19.16 -6.94 -7.82
CA SER A 401 -17.89 -7.27 -7.17
C SER A 401 -16.76 -7.15 -8.21
N GLY A 402 -15.55 -7.00 -7.70
CA GLY A 402 -14.36 -6.91 -8.51
C GLY A 402 -13.59 -5.65 -8.22
N ASP A 403 -12.64 -5.33 -9.06
CA ASP A 403 -11.83 -4.12 -8.93
C ASP A 403 -11.87 -3.35 -10.24
N PHE A 404 -11.16 -2.22 -10.23
CA PHE A 404 -11.10 -1.29 -11.35
C PHE A 404 -9.65 -0.96 -11.69
N PHE A 405 -8.86 -2.01 -11.88
CA PHE A 405 -7.53 -1.95 -12.44
C PHE A 405 -7.51 -2.83 -13.69
N THR A 406 -6.65 -2.53 -14.66
CA THR A 406 -5.79 -1.38 -14.80
C THR A 406 -6.47 -0.25 -15.56
N TYR A 407 -6.43 0.94 -15.00
CA TYR A 407 -7.04 2.13 -15.58
C TYR A 407 -6.36 2.52 -16.90
N ALA A 408 -7.19 2.91 -17.85
CA ALA A 408 -6.76 3.66 -19.01
C ALA A 408 -7.71 4.83 -19.15
N ASP A 409 -7.17 6.02 -19.36
CA ASP A 409 -7.98 7.23 -19.55
C ASP A 409 -8.32 7.46 -21.04
N ARG A 410 -7.55 6.91 -21.96
CA ARG A 410 -7.78 7.08 -23.39
C ARG A 410 -6.91 6.07 -24.15
N SER A 411 -7.37 5.72 -25.33
CA SER A 411 -6.65 4.87 -26.30
CA SER A 411 -6.53 4.95 -26.26
C SER A 411 -5.97 3.71 -25.61
N ASP A 412 -4.66 3.47 -25.81
CA ASP A 412 -3.91 2.40 -25.20
C ASP A 412 -3.11 2.89 -24.02
N ASN A 413 -3.46 4.04 -23.46
CA ASN A 413 -2.66 4.62 -22.37
C ASN A 413 -3.12 4.06 -21.02
N TYR A 414 -2.55 2.93 -20.68
CA TYR A 414 -2.80 2.22 -19.44
C TYR A 414 -1.80 2.68 -18.37
N TRP A 415 -2.35 2.97 -17.19
CA TRP A 415 -1.58 3.54 -16.10
C TRP A 415 -0.98 2.45 -15.20
N SER A 416 -0.18 1.56 -15.81
CA SER A 416 0.49 0.51 -15.07
C SER A 416 1.94 0.88 -14.73
N GLY A 417 2.45 2.01 -15.23
CA GLY A 417 3.79 2.43 -14.89
C GLY A 417 3.97 2.70 -13.40
N TYR A 418 2.98 3.36 -12.80
CA TYR A 418 3.09 3.81 -11.40
C TYR A 418 3.01 2.66 -10.41
N TYR A 419 2.74 1.45 -10.86
CA TYR A 419 2.88 0.27 -10.01
C TYR A 419 4.33 0.02 -9.65
N THR A 420 5.29 0.62 -10.38
CA THR A 420 6.72 0.44 -10.14
C THR A 420 7.46 1.77 -9.93
N SER A 421 7.00 2.88 -10.42
CA SER A 421 7.79 4.12 -10.39
C SER A 421 8.30 4.44 -9.00
N ARG A 422 9.56 4.85 -8.92
CA ARG A 422 10.19 5.22 -7.64
C ARG A 422 10.12 4.07 -6.65
N PRO A 423 10.72 2.94 -7.01
CA PRO A 423 10.63 1.74 -6.18
C PRO A 423 11.35 1.83 -4.87
N TYR A 424 12.35 2.70 -4.75
CA TYR A 424 13.01 2.85 -3.45
C TYR A 424 11.99 3.22 -2.40
N HIS A 425 11.14 4.18 -2.76
CA HIS A 425 10.19 4.73 -1.76
C HIS A 425 9.02 3.80 -1.55
N LYS A 426 8.68 2.99 -2.57
CA LYS A 426 7.71 1.91 -2.39
C LYS A 426 8.19 0.91 -1.35
N ARG A 427 9.47 0.54 -1.42
CA ARG A 427 10.04 -0.34 -0.41
C ARG A 427 10.05 0.33 0.97
N MET A 428 10.46 1.60 0.99
CA MET A 428 10.52 2.34 2.27
C MET A 428 9.15 2.36 2.93
N ASP A 429 8.08 2.50 2.16
CA ASP A 429 6.74 2.46 2.71
C ASP A 429 6.51 1.23 3.54
N ARG A 430 6.91 0.06 3.05
CA ARG A 430 6.65 -1.18 3.77
C ARG A 430 7.50 -1.28 5.02
N VAL A 431 8.73 -0.76 4.97
CA VAL A 431 9.60 -0.75 6.15
C VAL A 431 8.97 0.11 7.22
N LEU A 432 8.57 1.34 6.86
CA LEU A 432 7.95 2.24 7.82
C LEU A 432 6.61 1.70 8.31
N MET A 433 5.84 1.03 7.46
CA MET A 433 4.59 0.40 7.90
C MET A 433 4.84 -0.45 9.11
N HIS A 434 5.84 -1.33 9.01
CA HIS A 434 6.18 -2.24 10.11
C HIS A 434 6.69 -1.54 11.34
N TYR A 435 7.55 -0.54 11.15
CA TYR A 435 8.11 0.22 12.26
CA TYR A 435 8.08 0.14 12.33
C TYR A 435 7.03 0.96 13.02
N VAL A 436 6.04 1.52 12.33
CA VAL A 436 4.95 2.19 13.03
C VAL A 436 4.19 1.17 13.85
N ARG A 437 3.84 0.03 13.27
CA ARG A 437 3.13 -1.00 14.03
C ARG A 437 3.92 -1.39 15.25
N ALA A 438 5.20 -1.66 15.09
CA ALA A 438 6.03 -2.13 16.21
C ALA A 438 6.19 -1.09 17.28
N ALA A 439 6.36 0.20 16.90
CA ALA A 439 6.49 1.26 17.88
C ALA A 439 5.20 1.46 18.67
N GLU A 440 4.06 1.45 17.98
CA GLU A 440 2.77 1.60 18.67
C GLU A 440 2.54 0.43 19.60
N MET A 441 2.85 -0.77 19.15
CA MET A 441 2.59 -1.96 19.98
C MET A 441 3.52 -1.98 21.20
N LEU A 442 4.82 -1.83 20.99
CA LEU A 442 5.80 -1.89 22.08
C LEU A 442 5.52 -0.87 23.15
N SER A 443 5.12 0.33 22.75
CA SER A 443 4.88 1.38 23.73
C SER A 443 3.49 1.31 24.33
N ALA A 444 2.54 0.56 23.78
CA ALA A 444 1.18 0.48 24.29
C ALA A 444 1.15 -0.24 25.61
N TRP A 445 2.12 -1.09 25.94
CA TRP A 445 2.03 -1.90 27.16
C TRP A 445 2.03 -1.04 28.44
N HIS A 446 2.62 0.14 28.35
CA HIS A 446 2.76 1.05 29.49
C HIS A 446 2.06 2.37 29.18
N SER A 447 1.70 3.05 30.26
CA SER A 447 1.43 4.47 30.19
C SER A 447 2.72 5.26 30.35
N TRP A 448 2.92 6.34 29.61
CA TRP A 448 4.18 7.08 29.65
C TRP A 448 3.93 8.48 30.12
N ASP A 449 4.85 8.97 30.97
CA ASP A 449 4.83 10.39 31.28
C ASP A 449 4.98 11.27 30.05
N GLY A 450 4.39 12.47 30.01
CA GLY A 450 4.55 13.37 28.92
C GLY A 450 5.98 13.72 28.59
N MET A 451 6.85 13.75 29.59
CA MET A 451 8.23 14.02 29.30
C MET A 451 8.90 13.00 28.44
N ALA A 452 8.35 11.81 28.31
CA ALA A 452 8.95 10.78 27.45
C ALA A 452 8.72 11.05 25.96
N ARG A 453 7.79 11.95 25.63
CA ARG A 453 7.53 12.35 24.25
C ARG A 453 7.14 11.16 23.39
N ILE A 454 6.47 10.17 23.96
CA ILE A 454 6.05 8.98 23.21
C ILE A 454 4.94 9.33 22.25
N GLU A 455 3.88 9.99 22.75
CA GLU A 455 2.76 10.33 21.89
C GLU A 455 3.21 11.24 20.77
N GLU A 456 4.07 12.20 21.07
CA GLU A 456 4.59 13.14 20.11
C GLU A 456 5.30 12.45 18.95
N ARG A 457 6.22 11.55 19.27
CA ARG A 457 6.99 10.81 18.22
C ARG A 457 6.04 9.91 17.44
N LEU A 458 5.09 9.24 18.10
CA LEU A 458 4.18 8.35 17.35
C LEU A 458 3.30 9.13 16.44
N GLU A 459 2.80 10.30 16.87
CA GLU A 459 1.97 11.10 16.00
C GLU A 459 2.73 11.53 14.78
N GLN A 460 3.99 11.99 14.96
CA GLN A 460 4.81 12.34 13.82
C GLN A 460 4.99 11.15 12.85
N ALA A 461 5.30 9.98 13.41
CA ALA A 461 5.50 8.83 12.54
C ALA A 461 4.23 8.46 11.77
N ARG A 462 3.10 8.42 12.48
CA ARG A 462 1.85 8.09 11.81
C ARG A 462 1.54 9.10 10.71
N ARG A 463 1.78 10.37 10.97
CA ARG A 463 1.39 11.38 9.99
C ARG A 463 2.28 11.35 8.78
N GLU A 464 3.59 11.11 8.93
CA GLU A 464 4.44 11.07 7.76
C GLU A 464 4.13 9.84 6.92
N LEU A 465 3.90 8.68 7.53
CA LEU A 465 3.54 7.50 6.76
C LEU A 465 2.19 7.73 6.09
N SER A 466 1.25 8.33 6.82
CA SER A 466 -0.09 8.59 6.27
C SER A 466 0.02 9.51 5.06
N LEU A 467 0.82 10.57 5.15
CA LEU A 467 1.02 11.49 4.04
C LEU A 467 1.47 10.77 2.79
N PHE A 468 2.38 9.81 2.95
CA PHE A 468 2.95 9.08 1.81
C PHE A 468 1.96 8.19 1.13
N GLN A 469 0.82 7.88 1.76
CA GLN A 469 -0.19 7.11 1.08
C GLN A 469 -0.90 7.91 0.00
N HIS A 470 -0.69 9.21 -0.07
CA HIS A 470 -1.24 10.04 -1.13
C HIS A 470 -0.96 9.40 -2.49
N HIS A 471 -1.92 9.68 -3.41
CA HIS A 471 -1.79 9.16 -4.77
C HIS A 471 -0.76 9.85 -5.65
N ASP A 472 0.08 10.75 -5.13
CA ASP A 472 1.33 11.13 -5.71
C ASP A 472 2.53 10.81 -4.84
N GLY A 473 2.36 10.07 -3.78
CA GLY A 473 3.45 9.72 -2.85
C GLY A 473 3.93 8.34 -3.22
N ILE A 474 3.34 7.32 -2.67
CA ILE A 474 3.74 5.92 -2.89
C ILE A 474 3.69 5.59 -4.36
N THR A 475 2.87 6.25 -5.13
CA THR A 475 2.77 6.00 -6.58
C THR A 475 4.00 6.37 -7.35
N GLY A 476 4.87 7.21 -6.82
CA GLY A 476 6.04 7.60 -7.59
C GLY A 476 5.73 8.55 -8.73
N THR A 477 4.70 9.39 -8.59
CA THR A 477 4.26 10.28 -9.63
C THR A 477 4.49 11.75 -9.28
N ALA A 478 5.38 12.05 -8.29
CA ALA A 478 5.67 13.44 -7.97
C ALA A 478 6.95 13.92 -8.57
N LYS A 479 7.18 15.26 -8.53
CA LYS A 479 8.44 15.81 -9.02
C LYS A 479 9.57 15.34 -8.10
N THR A 480 10.80 15.35 -8.64
CA THR A 480 11.98 14.92 -7.91
C THR A 480 12.11 15.57 -6.54
N HIS A 481 11.94 16.89 -6.43
CA HIS A 481 12.15 17.49 -5.10
C HIS A 481 11.06 17.14 -4.12
N VAL A 482 9.91 16.76 -4.63
CA VAL A 482 8.79 16.35 -3.79
C VAL A 482 9.04 14.94 -3.28
N VAL A 483 9.53 14.05 -4.13
CA VAL A 483 9.96 12.73 -3.67
C VAL A 483 10.99 12.85 -2.55
N VAL A 484 11.94 13.79 -2.71
CA VAL A 484 12.95 14.01 -1.66
C VAL A 484 12.28 14.42 -0.36
N ASP A 485 11.28 15.29 -0.44
CA ASP A 485 10.55 15.70 0.78
C ASP A 485 9.89 14.51 1.42
N TYR A 486 9.18 13.67 0.67
CA TYR A 486 8.55 12.50 1.28
C TYR A 486 9.59 11.58 1.92
N GLU A 487 10.74 11.40 1.27
CA GLU A 487 11.77 10.53 1.80
C GLU A 487 12.31 11.10 3.13
N GLN A 488 12.56 12.38 3.15
CA GLN A 488 13.07 13.03 4.38
C GLN A 488 12.09 12.89 5.53
N ARG A 489 10.81 13.07 5.21
CA ARG A 489 9.73 12.90 6.22
C ARG A 489 9.70 11.48 6.73
N MET A 490 9.81 10.50 5.81
CA MET A 490 9.80 9.10 6.22
C MET A 490 11.05 8.76 7.04
N GLN A 491 12.19 9.36 6.73
CA GLN A 491 13.38 9.11 7.54
CA GLN A 491 13.40 9.17 7.52
C GLN A 491 13.19 9.62 8.96
N GLU A 492 12.60 10.79 9.09
CA GLU A 492 12.33 11.30 10.45
C GLU A 492 11.35 10.40 11.16
N ALA A 493 10.36 9.88 10.45
CA ALA A 493 9.41 8.94 11.04
C ALA A 493 10.09 7.66 11.51
N LEU A 494 11.03 7.12 10.72
CA LEU A 494 11.77 5.93 11.13
C LEU A 494 12.55 6.21 12.40
N LYS A 495 13.16 7.39 12.49
CA LYS A 495 13.93 7.73 13.70
C LYS A 495 13.03 7.84 14.90
N ALA A 496 11.84 8.39 14.73
CA ALA A 496 10.85 8.50 15.79
C ALA A 496 10.43 7.11 16.27
N CYS A 497 10.16 6.20 15.34
CA CYS A 497 9.84 4.83 15.69
C CYS A 497 10.94 4.16 16.46
N GLN A 498 12.18 4.30 15.99
CA GLN A 498 13.32 3.68 16.69
C GLN A 498 13.36 4.19 18.11
N MET A 499 13.22 5.51 18.33
CA MET A 499 13.30 6.06 19.68
C MET A 499 12.27 5.45 20.57
N VAL A 500 11.01 5.39 20.11
CA VAL A 500 9.92 4.84 20.93
C VAL A 500 10.18 3.37 21.18
N MET A 501 10.53 2.59 20.15
CA MET A 501 10.78 1.17 20.33
C MET A 501 11.87 0.91 21.38
N GLN A 502 12.99 1.60 21.26
CA GLN A 502 14.12 1.25 22.13
C GLN A 502 13.83 1.68 23.57
N GLN A 503 13.17 2.82 23.77
CA GLN A 503 12.72 3.19 25.13
C GLN A 503 11.81 2.12 25.72
N SER A 504 10.92 1.59 24.88
CA SER A 504 9.97 0.60 25.33
C SER A 504 10.62 -0.74 25.70
N VAL A 505 11.55 -1.19 24.88
CA VAL A 505 12.29 -2.41 25.20
C VAL A 505 13.04 -2.27 26.52
N TYR A 506 13.71 -1.12 26.70
CA TYR A 506 14.44 -0.92 27.97
C TYR A 506 13.50 -1.01 29.15
N ARG A 507 12.31 -0.44 29.06
CA ARG A 507 11.35 -0.50 30.16
C ARG A 507 10.79 -1.88 30.34
N LEU A 508 10.51 -2.61 29.26
CA LEU A 508 9.88 -3.90 29.37
C LEU A 508 10.81 -4.99 29.91
N LEU A 509 12.13 -4.78 29.76
CA LEU A 509 13.13 -5.81 30.08
C LEU A 509 14.11 -5.38 31.17
N THR A 510 13.79 -4.35 31.96
CA THR A 510 14.64 -3.96 33.08
C THR A 510 13.85 -4.08 34.40
N LYS A 511 14.48 -4.65 35.40
CA LYS A 511 13.86 -4.78 36.71
C LYS A 511 13.26 -3.48 37.14
N PRO A 512 11.99 -3.42 37.50
CA PRO A 512 11.36 -2.13 37.76
C PRO A 512 12.02 -1.24 38.78
N SER A 513 12.56 -1.77 39.86
CA SER A 513 13.18 -0.94 40.89
C SER A 513 14.55 -0.45 40.44
N ILE A 514 15.06 -0.88 39.32
CA ILE A 514 16.34 -0.45 38.77
C ILE A 514 16.13 0.55 37.65
N TYR A 515 15.05 0.41 36.91
CA TYR A 515 14.76 1.21 35.72
C TYR A 515 14.90 2.70 36.01
N SER A 516 15.74 3.40 35.26
CA SER A 516 16.05 4.82 35.50
C SER A 516 16.24 5.53 34.17
N PRO A 517 15.13 5.79 33.48
CA PRO A 517 15.27 6.20 32.10
C PRO A 517 15.64 7.68 31.91
N ASP A 518 16.49 7.91 30.94
CA ASP A 518 16.70 9.23 30.34
C ASP A 518 15.96 9.12 28.99
N PHE A 519 14.91 9.89 28.83
CA PHE A 519 14.04 9.70 27.67
C PHE A 519 14.68 10.25 26.38
N SER A 520 15.86 10.84 26.48
CA SER A 520 16.60 11.31 25.29
C SER A 520 17.71 10.32 24.91
N PHE A 521 17.99 9.33 25.76
CA PHE A 521 19.14 8.43 25.56
C PHE A 521 18.79 7.23 24.65
N SER A 522 19.80 6.73 23.95
CA SER A 522 19.67 5.51 23.14
C SER A 522 20.21 4.33 23.95
N TYR A 523 19.33 3.57 24.56
CA TYR A 523 19.64 2.34 25.24
C TYR A 523 19.93 1.21 24.26
N PHE A 524 19.21 1.20 23.14
CA PHE A 524 19.42 0.25 22.08
C PHE A 524 19.45 0.97 20.73
N THR A 525 20.15 0.36 19.81
CA THR A 525 19.95 0.78 18.39
C THR A 525 19.34 -0.39 17.63
N LEU A 526 18.51 -0.06 16.67
CA LEU A 526 17.95 -1.02 15.79
C LEU A 526 18.99 -1.51 14.78
N ASP A 527 18.94 -2.79 14.50
CA ASP A 527 19.72 -3.38 13.43
C ASP A 527 18.77 -3.91 12.38
N ASP A 528 18.85 -3.47 11.18
CA ASP A 528 17.95 -3.94 10.12
C ASP A 528 18.80 -4.44 8.98
N SER A 529 18.71 -5.70 8.66
CA SER A 529 19.51 -6.33 7.64
C SER A 529 19.00 -6.10 6.22
N ARG A 530 17.81 -5.57 6.08
CA ARG A 530 17.21 -5.44 4.76
C ARG A 530 16.84 -4.05 4.41
N TRP A 531 17.09 -3.07 5.25
CA TRP A 531 16.73 -1.70 4.89
C TRP A 531 17.77 -0.77 5.50
N PRO A 532 18.38 0.13 4.74
CA PRO A 532 18.28 0.25 3.29
C PRO A 532 18.85 -0.88 2.50
N GLY A 533 19.68 -1.68 3.14
CA GLY A 533 20.28 -2.85 2.55
C GLY A 533 21.76 -2.69 2.29
N SER A 534 22.39 -3.90 2.38
CA SER A 534 23.74 -4.14 1.95
C SER A 534 23.75 -3.74 0.46
N GLY A 535 24.69 -2.83 0.19
CA GLY A 535 24.90 -2.30 -1.15
C GLY A 535 24.13 -1.01 -1.39
N VAL A 536 23.18 -0.69 -0.48
CA VAL A 536 22.43 0.57 -0.65
C VAL A 536 23.03 1.62 0.30
N GLU A 537 23.21 1.31 1.56
CA GLU A 537 23.78 2.23 2.55
C GLU A 537 24.53 1.45 3.59
N ASP A 538 25.73 1.79 3.99
CA ASP A 538 26.37 0.85 4.98
C ASP A 538 26.04 1.50 6.32
N SER A 539 24.85 1.20 6.82
CA SER A 539 24.29 1.83 8.00
C SER A 539 24.28 0.95 9.22
N ARG A 540 24.66 -0.32 9.08
CA ARG A 540 24.63 -1.24 10.18
C ARG A 540 25.83 -1.03 11.07
N THR A 541 25.51 -1.18 12.35
CA THR A 541 26.56 -1.07 13.31
C THR A 541 27.09 -2.48 13.58
N THR A 542 28.40 -2.53 13.67
CA THR A 542 29.13 -3.70 14.07
C THR A 542 29.18 -3.75 15.58
N ILE A 543 28.87 -4.89 16.13
CA ILE A 543 29.11 -5.18 17.53
C ILE A 543 30.59 -5.44 17.75
N ILE A 544 31.18 -4.50 18.52
CA ILE A 544 32.63 -4.54 18.71
C ILE A 544 32.96 -5.20 20.03
N LEU A 545 33.58 -6.38 19.91
CA LEU A 545 33.98 -7.19 21.03
C LEU A 545 35.49 -7.35 21.01
N GLY A 546 36.08 -7.58 22.16
CA GLY A 546 37.53 -7.81 22.21
C GLY A 546 37.95 -7.98 23.63
N GLU A 547 39.01 -8.74 23.85
CA GLU A 547 39.51 -9.03 25.20
C GLU A 547 39.89 -7.79 25.99
N ASP A 548 40.36 -6.78 25.25
CA ASP A 548 40.81 -5.53 25.86
C ASP A 548 39.77 -4.42 25.75
N ILE A 549 38.49 -4.74 25.45
CA ILE A 549 37.46 -3.72 25.37
C ILE A 549 36.11 -4.20 25.92
N LEU A 550 35.63 -5.33 25.47
CA LEU A 550 34.26 -5.68 25.83
C LEU A 550 34.05 -7.17 25.51
N PRO A 551 33.82 -8.03 26.47
CA PRO A 551 33.67 -9.45 26.16
C PRO A 551 32.39 -9.90 25.52
N SER A 552 31.29 -9.19 25.77
CA SER A 552 29.97 -9.69 25.37
C SER A 552 29.01 -8.52 25.16
N LYS A 553 27.90 -8.82 24.50
CA LYS A 553 26.86 -7.87 24.15
C LYS A 553 25.48 -8.50 24.21
N HIS A 554 24.56 -7.81 24.86
CA HIS A 554 23.15 -8.24 24.78
C HIS A 554 22.48 -7.69 23.52
N VAL A 555 21.68 -8.54 22.94
CA VAL A 555 20.76 -8.19 21.85
C VAL A 555 19.37 -8.67 22.23
N VAL A 556 18.35 -7.99 21.68
CA VAL A 556 16.97 -8.28 21.98
C VAL A 556 16.17 -8.35 20.65
N MET A 557 15.34 -9.35 20.54
CA MET A 557 14.44 -9.46 19.38
C MET A 557 13.01 -9.19 19.84
N HIS A 558 12.25 -8.49 19.00
CA HIS A 558 10.81 -8.28 19.19
C HIS A 558 10.05 -8.99 18.08
N ASN A 559 8.94 -9.58 18.46
CA ASN A 559 8.01 -10.24 17.56
C ASN A 559 6.63 -9.61 17.63
N THR A 560 6.27 -8.82 16.65
CA THR A 560 4.99 -8.14 16.67
C THR A 560 3.80 -9.06 16.41
N LEU A 561 4.03 -10.26 15.86
CA LEU A 561 2.92 -11.14 15.55
C LEU A 561 2.45 -11.89 16.77
N PRO A 562 1.15 -12.20 16.85
CA PRO A 562 0.57 -12.88 18.04
C PRO A 562 0.73 -14.39 18.04
N HIS A 563 1.86 -14.91 17.60
CA HIS A 563 2.18 -16.31 17.78
C HIS A 563 3.65 -16.44 18.05
N TRP A 564 4.08 -17.52 18.73
CA TRP A 564 5.51 -17.76 18.88
C TRP A 564 6.17 -17.82 17.51
N ARG A 565 7.36 -17.25 17.42
CA ARG A 565 8.09 -17.31 16.18
C ARG A 565 9.53 -17.66 16.44
N GLU A 566 10.07 -18.53 15.61
CA GLU A 566 11.50 -18.75 15.50
C GLU A 566 11.90 -18.26 14.12
N GLN A 567 13.00 -17.55 14.06
CA GLN A 567 13.45 -16.96 12.76
C GLN A 567 14.97 -16.78 12.94
N LEU A 568 15.70 -17.05 11.88
CA LEU A 568 17.11 -16.69 11.90
C LEU A 568 17.25 -15.19 11.93
N VAL A 569 18.18 -14.71 12.74
CA VAL A 569 18.55 -13.31 12.82
C VAL A 569 20.06 -13.22 12.64
N ASP A 570 20.53 -12.09 12.12
CA ASP A 570 21.98 -11.88 11.94
C ASP A 570 22.40 -10.54 12.44
N PHE A 571 23.65 -10.51 12.89
CA PHE A 571 24.29 -9.29 13.33
C PHE A 571 25.70 -9.23 12.76
N TYR A 572 26.25 -8.05 12.62
CA TYR A 572 27.66 -7.89 12.32
C TYR A 572 28.45 -7.86 13.63
N VAL A 573 29.59 -8.54 13.64
CA VAL A 573 30.46 -8.61 14.80
C VAL A 573 31.91 -8.47 14.35
N SER A 574 32.76 -8.00 15.29
CA SER A 574 34.12 -7.68 14.95
C SER A 574 35.08 -8.86 15.07
N SER A 575 34.60 -10.04 15.33
CA SER A 575 35.39 -11.27 15.40
C SER A 575 34.61 -12.45 14.85
N PRO A 576 35.26 -13.42 14.26
CA PRO A 576 34.50 -14.60 13.84
C PRO A 576 34.25 -15.56 14.97
N PHE A 577 34.89 -15.51 16.11
CA PHE A 577 34.97 -16.34 17.28
C PHE A 577 33.97 -15.80 18.32
N VAL A 578 32.69 -15.95 17.94
CA VAL A 578 31.59 -15.47 18.75
C VAL A 578 30.60 -16.62 18.98
N SER A 579 30.10 -16.71 20.19
CA SER A 579 29.08 -17.68 20.51
C SER A 579 27.89 -16.99 21.14
N VAL A 580 26.77 -17.67 21.02
CA VAL A 580 25.47 -17.16 21.41
C VAL A 580 24.87 -17.99 22.55
N THR A 581 24.30 -17.27 23.51
CA THR A 581 23.55 -17.90 24.60
C THR A 581 22.23 -17.13 24.79
N ASP A 582 21.27 -17.81 25.38
CA ASP A 582 20.02 -17.19 25.82
C ASP A 582 20.25 -16.64 27.23
N LEU A 583 19.27 -16.00 27.84
CA LEU A 583 19.62 -15.42 29.18
C LEU A 583 19.46 -16.48 30.24
N ALA A 584 19.30 -17.77 29.93
CA ALA A 584 19.61 -18.80 30.92
C ALA A 584 20.97 -19.44 30.68
N ASN A 585 21.75 -18.80 29.84
CA ASN A 585 23.09 -19.25 29.47
C ASN A 585 23.06 -20.58 28.73
N ASN A 586 21.94 -20.91 28.08
CA ASN A 586 21.90 -22.10 27.28
C ASN A 586 22.58 -21.72 25.95
N PRO A 587 23.50 -22.55 25.49
CA PRO A 587 24.11 -22.31 24.16
C PRO A 587 23.05 -22.34 23.07
N VAL A 588 23.26 -21.50 22.07
CA VAL A 588 22.44 -21.44 20.88
C VAL A 588 23.33 -21.68 19.67
N GLU A 589 22.95 -22.62 18.82
CA GLU A 589 23.71 -22.91 17.61
CA GLU A 589 23.75 -22.90 17.63
C GLU A 589 23.79 -21.69 16.72
N ALA A 590 24.96 -21.38 16.18
CA ALA A 590 25.14 -20.21 15.37
C ALA A 590 26.04 -20.56 14.17
N GLN A 591 25.95 -19.71 13.17
CA GLN A 591 26.77 -19.82 11.96
C GLN A 591 27.40 -18.44 11.74
N VAL A 592 28.68 -18.43 11.44
CA VAL A 592 29.38 -17.22 11.05
C VAL A 592 29.72 -17.30 9.55
N SER A 593 29.52 -16.19 8.86
CA SER A 593 29.76 -16.03 7.46
C SER A 593 30.52 -14.77 7.27
N PRO A 594 31.20 -14.60 6.14
CA PRO A 594 31.82 -13.33 5.83
C PRO A 594 30.79 -12.23 5.52
N VAL A 595 31.24 -10.97 5.59
CA VAL A 595 30.49 -9.82 5.09
C VAL A 595 30.99 -9.54 3.69
N TRP A 596 30.14 -9.82 2.70
CA TRP A 596 30.47 -9.67 1.28
C TRP A 596 29.76 -8.45 0.73
N SER A 597 30.52 -7.63 -0.03
CA SER A 597 29.99 -6.48 -0.71
C SER A 597 30.42 -6.53 -2.18
N TRP A 598 29.48 -6.10 -3.00
CA TRP A 598 29.71 -6.19 -4.44
C TRP A 598 30.12 -4.84 -4.97
N HIS A 599 31.09 -4.92 -5.91
CA HIS A 599 31.67 -3.71 -6.43
C HIS A 599 31.69 -3.75 -7.95
N HIS A 600 31.40 -2.57 -8.52
CA HIS A 600 31.49 -2.44 -9.96
C HIS A 600 32.92 -1.86 -10.18
N ASP A 601 33.81 -2.77 -10.47
CA ASP A 601 35.22 -2.56 -10.74
C ASP A 601 35.35 -1.92 -12.11
N THR A 602 35.43 -0.59 -12.12
CA THR A 602 35.61 0.15 -13.36
C THR A 602 37.00 -0.07 -13.95
N LEU A 603 37.99 -0.64 -13.26
CA LEU A 603 39.26 -0.89 -13.98
C LEU A 603 39.22 -2.25 -14.65
N THR A 604 38.63 -3.29 -14.08
CA THR A 604 38.47 -4.58 -14.78
C THR A 604 37.14 -4.75 -15.52
N LYS A 605 36.19 -3.85 -15.32
CA LYS A 605 34.89 -3.88 -15.95
C LYS A 605 34.16 -5.17 -15.61
N THR A 606 34.29 -5.53 -14.33
CA THR A 606 33.50 -6.65 -13.83
C THR A 606 32.79 -6.24 -12.55
N ILE A 607 31.74 -6.97 -12.21
CA ILE A 607 31.06 -6.79 -10.92
C ILE A 607 31.41 -7.99 -10.05
N HIS A 608 32.06 -7.75 -8.91
CA HIS A 608 32.55 -8.90 -8.15
C HIS A 608 32.57 -8.52 -6.69
N PRO A 609 32.59 -9.56 -5.85
CA PRO A 609 32.48 -9.37 -4.40
C PRO A 609 33.80 -9.25 -3.72
N GLN A 610 33.78 -8.48 -2.65
CA GLN A 610 34.94 -8.31 -1.77
C GLN A 610 34.47 -8.65 -0.37
N GLY A 611 35.31 -9.32 0.38
CA GLY A 611 34.97 -9.68 1.73
C GLY A 611 35.66 -8.80 2.73
N SER A 612 34.99 -8.59 3.85
CA SER A 612 35.61 -7.80 4.89
C SER A 612 36.68 -8.62 5.61
N THR A 613 37.76 -7.98 6.07
CA THR A 613 38.75 -8.63 6.90
C THR A 613 38.68 -8.24 8.37
N THR A 614 37.69 -7.56 8.82
CA THR A 614 37.43 -6.99 10.13
C THR A 614 36.01 -7.07 10.67
N LYS A 615 35.01 -7.46 9.91
CA LYS A 615 33.67 -7.70 10.46
C LYS A 615 33.10 -8.90 9.75
N TYR A 616 32.23 -9.63 10.47
CA TYR A 616 31.70 -10.94 10.18
C TYR A 616 30.23 -10.91 10.51
N ARG A 617 29.51 -11.85 9.87
CA ARG A 617 28.07 -11.99 10.16
C ARG A 617 27.88 -13.21 11.05
N ILE A 618 27.15 -13.04 12.15
CA ILE A 618 26.75 -14.18 12.93
C ILE A 618 25.24 -14.33 12.84
N ILE A 619 24.80 -15.54 12.65
CA ILE A 619 23.41 -15.91 12.40
C ILE A 619 22.98 -16.98 13.40
N PHE A 620 21.79 -16.86 13.99
CA PHE A 620 21.27 -17.86 14.87
C PHE A 620 19.77 -17.76 14.91
N LYS A 621 19.13 -18.80 15.40
CA LYS A 621 17.69 -18.81 15.52
C LYS A 621 17.22 -18.16 16.82
N ALA A 622 16.46 -17.08 16.66
CA ALA A 622 15.81 -16.46 17.82
C ALA A 622 14.41 -17.01 17.98
N ARG A 623 13.99 -17.31 19.21
CA ARG A 623 12.66 -17.82 19.53
C ARG A 623 12.01 -16.74 20.41
N VAL A 624 10.91 -16.18 19.94
CA VAL A 624 10.38 -14.98 20.54
C VAL A 624 8.87 -15.14 20.83
N PRO A 625 8.42 -14.77 22.05
CA PRO A 625 7.01 -14.99 22.36
C PRO A 625 6.07 -14.18 21.47
N PRO A 626 4.78 -14.52 21.52
CA PRO A 626 3.76 -13.71 20.79
C PRO A 626 3.84 -12.28 21.31
N MET A 627 3.88 -11.30 20.41
CA MET A 627 3.86 -9.88 20.79
C MET A 627 4.87 -9.60 21.90
N GLY A 628 6.04 -10.24 21.77
CA GLY A 628 6.97 -10.31 22.88
C GLY A 628 8.42 -10.03 22.54
N LEU A 629 9.30 -10.26 23.52
CA LEU A 629 10.70 -9.97 23.41
C LEU A 629 11.52 -11.14 23.98
N ALA A 630 12.71 -11.31 23.41
CA ALA A 630 13.65 -12.33 23.87
C ALA A 630 15.06 -11.76 23.81
N THR A 631 15.83 -12.01 24.85
CA THR A 631 17.21 -11.50 24.99
C THR A 631 18.23 -12.60 24.77
N TYR A 632 19.29 -12.29 24.02
CA TYR A 632 20.40 -13.18 23.78
C TYR A 632 21.70 -12.43 24.06
N VAL A 633 22.78 -13.19 24.25
CA VAL A 633 24.09 -12.65 24.53
C VAL A 633 25.08 -13.22 23.52
N LEU A 634 25.90 -12.33 22.96
CA LEU A 634 27.00 -12.64 22.05
C LEU A 634 28.32 -12.47 22.81
N THR A 635 29.14 -13.54 22.83
CA THR A 635 30.38 -13.51 23.62
C THR A 635 31.55 -13.88 22.74
N ILE A 636 32.65 -13.13 22.87
CA ILE A 636 33.85 -13.44 22.10
C ILE A 636 34.68 -14.50 22.82
N SER A 637 35.48 -15.21 22.02
CA SER A 637 36.42 -16.21 22.52
C SER A 637 37.68 -16.13 21.65
N ASP A 638 38.74 -16.80 22.15
CA ASP A 638 40.01 -16.73 21.51
C ASP A 638 40.12 -17.67 20.32
N SER A 639 39.14 -18.55 20.14
CA SER A 639 39.19 -19.58 19.12
C SER A 639 37.78 -20.03 18.79
N LYS A 640 37.69 -20.89 17.80
CA LYS A 640 36.35 -21.35 17.41
C LYS A 640 35.57 -21.91 18.59
N PRO A 641 34.41 -21.34 18.85
CA PRO A 641 33.52 -21.87 19.89
C PRO A 641 32.78 -23.15 19.53
N GLU A 642 32.40 -23.88 20.57
CA GLU A 642 31.83 -25.19 20.34
C GLU A 642 30.55 -25.14 19.53
N HIS A 643 29.73 -24.13 19.68
CA HIS A 643 28.40 -24.16 19.09
C HIS A 643 28.22 -23.18 17.93
N THR A 644 29.35 -22.77 17.33
CA THR A 644 29.38 -21.88 16.18
C THR A 644 30.10 -22.60 15.04
N SER A 645 29.47 -22.67 13.89
CA SER A 645 30.04 -23.20 12.67
C SER A 645 30.36 -22.07 11.70
N TYR A 646 31.12 -22.39 10.67
CA TYR A 646 31.58 -21.43 9.69
C TYR A 646 31.22 -21.83 8.29
N ALA A 647 30.63 -20.91 7.53
CA ALA A 647 30.23 -21.25 6.19
C ALA A 647 31.43 -21.40 5.27
N SER A 648 31.28 -22.27 4.27
CA SER A 648 32.26 -22.29 3.18
CA SER A 648 32.23 -22.33 3.16
C SER A 648 31.84 -21.27 2.14
N ASN A 649 32.79 -20.86 1.30
CA ASN A 649 32.55 -19.86 0.28
C ASN A 649 33.31 -20.30 -0.97
N LEU A 650 32.60 -20.20 -2.10
CA LEU A 650 33.09 -20.62 -3.41
C LEU A 650 32.79 -19.50 -4.40
N LEU A 651 33.83 -18.98 -5.02
CA LEU A 651 33.71 -17.94 -6.01
C LEU A 651 33.89 -18.57 -7.40
N LEU A 652 32.88 -18.46 -8.23
CA LEU A 652 32.91 -19.05 -9.56
C LEU A 652 33.08 -17.95 -10.58
N ARG A 653 34.23 -18.01 -11.26
CA ARG A 653 34.59 -17.04 -12.27
C ARG A 653 35.91 -17.49 -12.91
N LYS A 654 36.05 -17.12 -14.18
CA LYS A 654 37.35 -17.39 -14.82
C LYS A 654 38.31 -16.32 -14.30
N ASN A 655 39.61 -16.47 -14.40
CA ASN A 655 40.48 -15.39 -13.91
C ASN A 655 40.26 -14.92 -12.48
N PRO A 656 40.17 -15.79 -11.48
CA PRO A 656 39.96 -15.25 -10.13
C PRO A 656 41.28 -14.71 -9.58
N THR A 657 41.03 -13.87 -8.58
CA THR A 657 42.09 -13.40 -7.69
C THR A 657 41.65 -13.73 -6.26
N SER A 658 42.61 -13.63 -5.35
CA SER A 658 42.42 -14.03 -3.98
C SER A 658 41.42 -13.13 -3.22
N LEU A 659 40.87 -13.73 -2.17
CA LEU A 659 39.83 -13.11 -1.37
C LEU A 659 40.16 -13.40 0.11
N PRO A 660 41.07 -12.61 0.67
CA PRO A 660 41.41 -12.77 2.08
C PRO A 660 40.25 -12.34 2.98
N LEU A 661 40.15 -12.93 4.16
CA LEU A 661 39.00 -12.66 5.03
C LEU A 661 39.44 -12.40 6.46
N GLY A 662 40.64 -11.87 6.67
CA GLY A 662 41.05 -11.61 8.05
C GLY A 662 41.14 -12.88 8.87
N GLN A 663 40.48 -12.90 10.05
CA GLN A 663 40.49 -14.03 10.96
CA GLN A 663 40.55 -14.08 10.91
C GLN A 663 39.56 -15.19 10.60
N TYR A 664 38.76 -15.02 9.54
CA TYR A 664 37.77 -16.07 9.23
C TYR A 664 38.44 -17.39 8.99
N PRO A 665 37.99 -18.45 9.64
CA PRO A 665 38.81 -19.67 9.63
C PRO A 665 38.76 -20.56 8.39
N GLU A 666 37.91 -20.32 7.39
CA GLU A 666 37.85 -21.18 6.20
CA GLU A 666 37.81 -21.15 6.19
C GLU A 666 38.30 -20.35 5.00
N ASP A 667 39.27 -20.78 4.23
CA ASP A 667 39.73 -20.07 3.05
C ASP A 667 38.69 -20.16 1.93
N VAL A 668 38.50 -19.10 1.21
CA VAL A 668 37.64 -19.10 0.03
C VAL A 668 38.14 -20.07 -1.01
N LYS A 669 37.24 -20.78 -1.67
CA LYS A 669 37.57 -21.69 -2.78
C LYS A 669 37.19 -20.99 -4.08
N PHE A 670 37.80 -21.39 -5.17
CA PHE A 670 37.60 -20.88 -6.47
C PHE A 670 37.29 -21.94 -7.51
N GLY A 671 36.53 -21.59 -8.56
CA GLY A 671 36.32 -22.53 -9.65
C GLY A 671 35.80 -21.80 -10.87
N ASP A 672 35.84 -22.51 -12.01
CA ASP A 672 35.19 -21.95 -13.18
C ASP A 672 33.67 -22.02 -13.02
N PRO A 673 32.92 -21.15 -13.70
CA PRO A 673 31.45 -21.21 -13.63
C PRO A 673 30.95 -22.60 -13.95
N ARG A 674 29.93 -23.01 -13.18
CA ARG A 674 29.37 -24.32 -13.32
C ARG A 674 28.02 -24.36 -12.66
N GLU A 675 27.17 -25.29 -13.08
CA GLU A 675 25.90 -25.50 -12.40
C GLU A 675 26.19 -25.99 -10.98
N ILE A 676 25.30 -25.55 -10.06
CA ILE A 676 25.43 -26.09 -8.71
C ILE A 676 24.07 -26.33 -8.10
N SER A 677 24.09 -27.13 -7.05
CA SER A 677 22.85 -27.45 -6.34
C SER A 677 23.14 -27.30 -4.87
N LEU A 678 22.14 -26.85 -4.10
CA LEU A 678 22.23 -26.61 -2.68
C LEU A 678 20.97 -27.09 -1.93
N ARG A 679 21.16 -27.53 -0.74
CA ARG A 679 20.04 -27.95 0.16
C ARG A 679 20.40 -27.52 1.59
N VAL A 680 19.55 -26.77 2.27
CA VAL A 680 19.72 -26.48 3.69
C VAL A 680 18.71 -27.29 4.49
N GLY A 681 19.18 -27.89 5.56
CA GLY A 681 18.34 -28.76 6.39
C GLY A 681 17.67 -29.85 5.56
N ASN A 682 16.39 -30.11 5.81
CA ASN A 682 15.61 -31.10 5.09
C ASN A 682 14.72 -30.46 4.03
N GLY A 683 15.08 -29.23 3.71
CA GLY A 683 14.26 -28.29 2.97
C GLY A 683 14.41 -28.58 1.48
N PRO A 684 13.97 -27.67 0.61
CA PRO A 684 14.09 -28.01 -0.81
C PRO A 684 15.55 -27.97 -1.26
N THR A 685 15.81 -28.70 -2.36
CA THR A 685 17.08 -28.66 -3.11
C THR A 685 16.88 -27.74 -4.34
N LEU A 686 17.72 -26.73 -4.45
CA LEU A 686 17.67 -25.73 -5.50
C LEU A 686 18.88 -25.95 -6.42
N ALA A 687 18.62 -25.94 -7.72
CA ALA A 687 19.66 -26.03 -8.71
C ALA A 687 19.75 -24.70 -9.48
N PHE A 688 20.97 -24.31 -9.77
CA PHE A 688 21.32 -23.02 -10.36
C PHE A 688 22.12 -23.22 -11.64
N SER A 689 21.87 -22.34 -12.59
CA SER A 689 22.65 -22.26 -13.83
C SER A 689 24.05 -21.78 -13.54
N GLU A 690 24.92 -21.90 -14.55
CA GLU A 690 26.27 -21.34 -14.45
C GLU A 690 26.27 -19.82 -14.33
N GLN A 691 25.16 -19.16 -14.63
CA GLN A 691 25.06 -17.74 -14.41
C GLN A 691 24.49 -17.37 -13.05
N GLY A 692 24.29 -18.34 -12.18
CA GLY A 692 23.88 -18.03 -10.83
C GLY A 692 22.38 -17.89 -10.65
N LEU A 693 21.60 -18.33 -11.59
CA LEU A 693 20.14 -18.15 -11.54
C LEU A 693 19.46 -19.45 -11.34
N LEU A 694 18.40 -19.47 -10.55
CA LEU A 694 17.64 -20.68 -10.31
C LEU A 694 17.17 -21.32 -11.60
N LYS A 695 17.27 -22.63 -11.64
CA LYS A 695 16.76 -23.44 -12.74
C LYS A 695 15.75 -24.46 -12.31
N SER A 696 15.80 -24.97 -11.11
CA SER A 696 14.83 -26.00 -10.68
C SER A 696 14.81 -26.08 -9.17
N ILE A 697 13.67 -26.58 -8.67
CA ILE A 697 13.40 -26.83 -7.27
C ILE A 697 12.94 -28.28 -7.09
N GLN A 698 13.57 -29.01 -6.17
CA GLN A 698 13.15 -30.35 -5.79
C GLN A 698 12.63 -30.32 -4.36
N LEU A 699 11.33 -30.56 -4.13
CA LEU A 699 10.83 -30.31 -2.80
C LEU A 699 11.32 -31.29 -1.76
N THR A 700 11.42 -32.54 -2.13
CA THR A 700 11.77 -33.62 -1.21
C THR A 700 12.78 -34.53 -1.88
N GLN A 701 13.45 -35.37 -1.11
CA GLN A 701 14.56 -36.10 -1.73
C GLN A 701 14.09 -37.01 -2.85
N ASP A 702 12.89 -37.54 -2.88
CA ASP A 702 12.54 -38.47 -3.94
C ASP A 702 12.08 -37.79 -5.21
N SER A 703 11.57 -36.59 -5.02
CA SER A 703 10.61 -35.96 -5.89
C SER A 703 11.21 -35.32 -7.13
N PRO A 704 10.44 -34.84 -8.10
CA PRO A 704 11.02 -34.29 -9.31
C PRO A 704 11.74 -32.97 -9.07
N HIS A 705 12.77 -32.77 -9.91
CA HIS A 705 13.36 -31.44 -10.00
C HIS A 705 12.46 -30.60 -10.92
N VAL A 706 11.65 -29.72 -10.34
CA VAL A 706 10.64 -28.95 -11.08
C VAL A 706 11.27 -27.74 -11.73
N PRO A 707 11.17 -27.57 -13.06
CA PRO A 707 11.75 -26.36 -13.69
C PRO A 707 11.11 -25.09 -13.17
N VAL A 708 11.99 -24.21 -12.66
CA VAL A 708 11.60 -22.89 -12.15
C VAL A 708 12.80 -22.02 -12.50
N HIS A 709 12.71 -21.21 -13.52
CA HIS A 709 13.87 -20.48 -14.03
CA HIS A 709 13.89 -20.49 -13.99
C HIS A 709 13.68 -18.98 -13.90
N PHE A 710 14.65 -18.33 -13.23
CA PHE A 710 14.67 -16.87 -13.18
C PHE A 710 15.39 -16.32 -14.38
N LYS A 711 14.90 -15.20 -14.89
CA LYS A 711 15.47 -14.50 -16.03
C LYS A 711 15.21 -13.02 -15.85
N PHE A 712 16.17 -12.18 -16.22
CA PHE A 712 16.03 -10.75 -16.24
C PHE A 712 15.91 -10.26 -17.68
N LEU A 713 14.95 -9.40 -17.94
CA LEU A 713 14.69 -8.87 -19.28
C LEU A 713 14.50 -7.36 -19.18
N LYS A 714 14.44 -6.69 -20.36
CA LYS A 714 14.29 -5.26 -20.41
C LYS A 714 13.18 -4.91 -21.42
N TYR A 715 12.37 -3.99 -21.00
CA TYR A 715 11.43 -3.28 -21.85
C TYR A 715 12.00 -1.90 -22.23
N GLY A 716 11.67 -1.46 -23.43
CA GLY A 716 12.05 -0.13 -23.86
C GLY A 716 10.85 0.78 -24.02
N VAL A 717 11.07 1.85 -24.76
CA VAL A 717 10.09 2.93 -24.96
C VAL A 717 9.90 3.11 -26.46
N ARG A 718 8.73 3.56 -26.85
CA ARG A 718 8.44 3.74 -28.27
C ARG A 718 9.17 4.91 -28.85
N SER A 719 9.55 4.75 -30.12
CA SER A 719 10.26 5.82 -30.77
C SER A 719 9.29 6.63 -31.63
N HIS A 720 8.03 6.31 -31.70
CA HIS A 720 6.99 7.06 -32.32
C HIS A 720 5.73 6.91 -31.46
N GLY A 721 4.94 7.96 -31.41
CA GLY A 721 3.74 7.78 -30.62
C GLY A 721 4.02 8.08 -29.16
N ASP A 722 3.21 7.46 -28.29
CA ASP A 722 3.20 7.94 -26.92
C ASP A 722 4.31 7.30 -26.13
N ARG A 723 4.91 8.09 -25.26
CA ARG A 723 6.02 7.63 -24.45
C ARG A 723 5.60 7.25 -23.05
N SER A 724 6.22 6.19 -22.57
CA SER A 724 6.10 5.84 -21.14
C SER A 724 6.63 6.95 -20.25
N GLY A 725 6.08 7.10 -19.06
CA GLY A 725 6.57 8.05 -18.08
C GLY A 725 6.20 7.53 -16.70
N ALA A 726 6.13 8.40 -15.71
CA ALA A 726 5.85 7.98 -14.35
C ALA A 726 4.54 7.24 -14.20
N TYR A 727 3.52 7.65 -14.97
CA TYR A 727 2.21 7.02 -14.93
C TYR A 727 2.07 5.85 -15.87
N LEU A 728 2.41 6.09 -17.14
CA LEU A 728 2.08 5.18 -18.23
C LEU A 728 3.17 4.18 -18.54
N PHE A 729 2.77 2.95 -18.82
CA PHE A 729 3.67 1.92 -19.33
C PHE A 729 3.28 1.67 -20.78
N LEU A 730 4.17 2.07 -21.70
CA LEU A 730 3.91 1.97 -23.15
C LEU A 730 5.09 1.27 -23.80
N PRO A 731 5.24 -0.04 -23.57
CA PRO A 731 6.48 -0.70 -24.06
C PRO A 731 6.51 -0.77 -25.55
N ASN A 732 7.72 -0.88 -26.08
CA ASN A 732 7.92 -1.09 -27.53
C ASN A 732 8.01 -2.57 -27.80
N GLY A 733 7.03 -3.34 -27.44
CA GLY A 733 6.97 -4.79 -27.64
C GLY A 733 7.38 -5.54 -26.39
N PRO A 734 7.30 -6.86 -26.49
CA PRO A 734 7.74 -7.72 -25.40
C PRO A 734 9.18 -7.49 -25.02
N ALA A 735 9.51 -7.84 -23.79
CA ALA A 735 10.82 -7.62 -23.23
C ALA A 735 11.89 -8.45 -23.89
N SER A 736 13.11 -7.93 -23.93
CA SER A 736 14.30 -8.55 -24.51
C SER A 736 15.22 -9.03 -23.38
N PRO A 737 15.87 -10.22 -23.48
CA PRO A 737 16.74 -10.62 -22.36
C PRO A 737 17.89 -9.69 -22.10
N VAL A 738 18.20 -9.45 -20.83
CA VAL A 738 19.45 -8.74 -20.48
C VAL A 738 20.62 -9.60 -20.89
N GLU A 739 21.62 -9.01 -21.55
CA GLU A 739 22.82 -9.77 -21.94
C GLU A 739 23.68 -9.95 -20.71
N LEU A 740 23.91 -11.19 -20.30
CA LEU A 740 24.57 -11.34 -18.99
C LEU A 740 26.05 -11.47 -19.04
N GLY A 741 26.62 -11.69 -20.21
CA GLY A 741 28.03 -11.98 -20.25
C GLY A 741 28.43 -13.22 -19.44
N GLN A 742 29.57 -13.22 -18.75
CA GLN A 742 29.98 -14.28 -17.86
CA GLN A 742 30.06 -14.26 -17.88
C GLN A 742 30.08 -13.74 -16.43
N PRO A 743 28.94 -13.67 -15.76
CA PRO A 743 28.91 -13.04 -14.44
C PRO A 743 29.63 -13.87 -13.38
N VAL A 744 30.08 -13.09 -12.36
CA VAL A 744 30.72 -13.71 -11.19
C VAL A 744 29.68 -14.22 -10.19
N VAL A 745 29.80 -15.46 -9.75
CA VAL A 745 28.85 -16.11 -8.87
C VAL A 745 29.53 -16.47 -7.57
N LEU A 746 28.89 -16.12 -6.46
CA LEU A 746 29.38 -16.41 -5.13
C LEU A 746 28.43 -17.36 -4.40
N VAL A 747 28.95 -18.51 -3.97
CA VAL A 747 28.20 -19.53 -3.27
C VAL A 747 28.68 -19.58 -1.83
N THR A 748 27.79 -19.35 -0.89
CA THR A 748 28.09 -19.50 0.55
C THR A 748 27.27 -20.63 1.12
N LYS A 749 27.90 -21.64 1.69
CA LYS A 749 27.21 -22.84 2.16
C LYS A 749 27.41 -22.98 3.64
N GLY A 750 26.32 -22.96 4.35
CA GLY A 750 26.36 -23.08 5.79
C GLY A 750 25.31 -24.03 6.31
N LYS A 751 25.44 -24.42 7.56
CA LYS A 751 24.46 -25.31 8.17
C LYS A 751 23.12 -24.67 8.39
N LEU A 752 23.08 -23.39 8.68
CA LEU A 752 21.85 -22.66 8.96
C LEU A 752 21.38 -21.86 7.75
N GLU A 753 22.27 -21.37 6.91
CA GLU A 753 21.90 -20.49 5.81
C GLU A 753 22.94 -20.63 4.70
N SER A 754 22.46 -20.81 3.49
CA SER A 754 23.26 -20.84 2.28
C SER A 754 22.72 -19.86 1.27
N SER A 755 23.57 -19.44 0.31
CA SER A 755 23.11 -18.52 -0.70
C SER A 755 23.94 -18.63 -1.97
N VAL A 756 23.31 -18.18 -3.04
CA VAL A 756 23.96 -17.99 -4.32
C VAL A 756 23.73 -16.53 -4.72
N SER A 757 24.79 -15.79 -4.99
CA SER A 757 24.70 -14.39 -5.37
C SER A 757 25.43 -14.19 -6.71
N VAL A 758 24.87 -13.37 -7.57
CA VAL A 758 25.48 -13.11 -8.86
C VAL A 758 25.39 -11.64 -9.20
N GLY A 759 26.49 -11.10 -9.76
CA GLY A 759 26.54 -9.71 -10.17
C GLY A 759 26.16 -9.57 -11.62
N LEU A 760 24.91 -9.29 -11.90
CA LEU A 760 24.42 -9.12 -13.25
C LEU A 760 24.38 -7.67 -13.62
N PRO A 761 24.28 -7.30 -14.88
CA PRO A 761 24.11 -5.88 -15.23
C PRO A 761 22.84 -5.33 -14.58
N SER A 762 23.03 -4.31 -13.76
CA SER A 762 22.02 -3.53 -13.07
C SER A 762 21.45 -4.27 -11.85
N VAL A 763 21.80 -5.50 -11.57
CA VAL A 763 21.20 -6.25 -10.48
C VAL A 763 22.17 -7.22 -9.83
N VAL A 764 22.39 -7.06 -8.53
CA VAL A 764 23.04 -8.12 -7.77
C VAL A 764 21.89 -9.01 -7.26
N HIS A 765 21.81 -10.22 -7.79
CA HIS A 765 20.69 -11.12 -7.53
C HIS A 765 21.16 -12.20 -6.55
N GLN A 766 20.35 -12.45 -5.51
CA GLN A 766 20.71 -13.33 -4.41
CA GLN A 766 20.74 -13.40 -4.47
C GLN A 766 19.56 -14.29 -4.16
N THR A 767 19.85 -15.57 -4.04
CA THR A 767 18.89 -16.58 -3.59
C THR A 767 19.40 -17.13 -2.27
N ILE A 768 18.62 -17.01 -1.20
CA ILE A 768 19.01 -17.38 0.14
C ILE A 768 18.13 -18.52 0.64
N MET A 769 18.75 -19.52 1.26
CA MET A 769 18.14 -20.75 1.69
CA MET A 769 18.06 -20.70 1.72
C MET A 769 18.31 -20.90 3.19
N ARG A 770 17.20 -21.07 3.90
N ARG A 770 17.25 -21.11 3.97
CA ARG A 770 17.26 -21.19 5.35
CA ARG A 770 17.40 -21.34 5.40
C ARG A 770 16.53 -22.47 5.75
C ARG A 770 16.69 -22.62 5.81
N GLY A 771 16.20 -23.36 4.83
CA GLY A 771 15.56 -24.62 5.06
C GLY A 771 14.15 -24.71 4.65
N GLY A 772 13.52 -23.59 4.29
CA GLY A 772 12.13 -23.64 3.74
C GLY A 772 12.16 -22.92 2.38
N ALA A 773 11.10 -22.13 2.11
CA ALA A 773 11.00 -21.38 0.88
C ALA A 773 12.16 -20.42 0.75
N PRO A 774 12.80 -20.35 -0.40
CA PRO A 774 13.90 -19.43 -0.53
C PRO A 774 13.47 -17.97 -0.44
N GLU A 775 14.44 -17.14 -0.11
CA GLU A 775 14.33 -15.69 -0.15
C GLU A 775 15.14 -15.17 -1.33
N ILE A 776 14.61 -14.23 -2.08
CA ILE A 776 15.29 -13.60 -3.17
CA ILE A 776 15.34 -13.61 -3.15
C ILE A 776 15.55 -12.15 -2.79
N ARG A 777 16.74 -11.67 -2.98
CA ARG A 777 17.07 -10.24 -2.81
C ARG A 777 17.70 -9.76 -4.10
N ASN A 778 17.20 -8.65 -4.62
CA ASN A 778 17.80 -7.96 -5.77
C ASN A 778 18.23 -6.57 -5.38
N LEU A 779 19.52 -6.30 -5.51
CA LEU A 779 20.05 -4.95 -5.36
C LEU A 779 20.00 -4.36 -6.75
N VAL A 780 19.04 -3.50 -6.99
CA VAL A 780 18.74 -2.99 -8.33
C VAL A 780 19.31 -1.59 -8.49
N ASP A 781 20.24 -1.42 -9.44
CA ASP A 781 20.84 -0.12 -9.79
C ASP A 781 20.84 0.04 -11.28
N ILE A 782 19.76 0.65 -11.78
CA ILE A 782 19.57 0.85 -13.20
C ILE A 782 20.48 1.87 -13.78
N GLY A 783 21.22 2.58 -12.92
CA GLY A 783 22.36 3.36 -13.46
C GLY A 783 21.88 4.41 -14.41
N SER A 784 22.50 4.56 -15.52
CA SER A 784 22.16 5.53 -16.53
C SER A 784 21.50 4.89 -17.73
N LEU A 785 20.88 3.74 -17.50
CA LEU A 785 20.19 3.13 -18.62
C LEU A 785 18.87 3.79 -18.95
N ASP A 786 18.88 4.79 -19.81
CA ASP A 786 17.69 5.56 -20.07
C ASP A 786 16.70 4.70 -20.89
N ASN A 787 15.47 5.02 -20.67
CA ASN A 787 14.37 4.43 -21.41
C ASN A 787 14.38 2.90 -21.33
N THR A 788 14.52 2.40 -20.11
CA THR A 788 14.65 0.98 -19.81
C THR A 788 13.80 0.65 -18.60
N GLU A 789 13.08 -0.43 -18.67
CA GLU A 789 12.40 -1.00 -17.51
C GLU A 789 12.94 -2.43 -17.33
N ILE A 790 13.47 -2.75 -16.15
CA ILE A 790 14.06 -4.06 -15.89
CA ILE A 790 14.06 -4.06 -15.88
C ILE A 790 13.00 -4.94 -15.22
N VAL A 791 12.74 -6.11 -15.80
CA VAL A 791 11.78 -7.06 -15.27
C VAL A 791 12.46 -8.33 -14.85
N MET A 792 11.99 -8.91 -13.74
CA MET A 792 12.39 -10.24 -13.29
C MET A 792 11.27 -11.23 -13.65
N ARG A 793 11.55 -12.24 -14.44
CA ARG A 793 10.57 -13.23 -14.88
C ARG A 793 10.92 -14.59 -14.32
N LEU A 794 9.90 -15.36 -13.96
CA LEU A 794 9.97 -16.78 -13.64
C LEU A 794 9.29 -17.57 -14.73
N GLU A 795 10.01 -18.54 -15.27
CA GLU A 795 9.48 -19.44 -16.28
C GLU A 795 9.33 -20.83 -15.69
N THR A 796 8.11 -21.41 -15.77
CA THR A 796 7.80 -22.72 -15.32
C THR A 796 7.02 -23.50 -16.36
N HIS A 797 6.74 -24.76 -16.00
CA HIS A 797 5.94 -25.73 -16.72
CA HIS A 797 5.84 -25.46 -16.98
C HIS A 797 4.49 -25.72 -16.31
N ILE A 798 4.15 -24.88 -15.34
CA ILE A 798 2.82 -24.91 -14.73
C ILE A 798 1.80 -24.54 -15.79
N ASP A 799 0.74 -25.35 -15.95
CA ASP A 799 -0.23 -25.14 -16.99
C ASP A 799 -1.32 -24.19 -16.54
N SER A 800 -0.92 -22.93 -16.33
CA SER A 800 -1.82 -21.90 -15.79
C SER A 800 -2.67 -21.28 -16.90
N GLY A 801 -2.44 -21.46 -18.13
CA GLY A 801 -3.13 -20.87 -19.25
C GLY A 801 -3.10 -19.39 -19.28
N ASP A 802 -4.23 -18.77 -19.09
CA ASP A 802 -4.35 -17.32 -19.07
C ASP A 802 -4.70 -16.78 -17.69
N ILE A 803 -4.67 -17.63 -16.64
CA ILE A 803 -5.06 -17.23 -15.30
C ILE A 803 -3.87 -17.00 -14.41
N PHE A 804 -3.94 -15.96 -13.58
CA PHE A 804 -2.97 -15.71 -12.56
C PHE A 804 -3.68 -14.96 -11.44
N TYR A 805 -3.05 -14.82 -10.27
CA TYR A 805 -3.64 -14.17 -9.13
C TYR A 805 -2.71 -13.10 -8.60
N THR A 806 -3.24 -11.97 -8.24
CA THR A 806 -2.44 -10.90 -7.65
C THR A 806 -3.20 -10.40 -6.42
N ASP A 807 -2.52 -9.76 -5.47
CA ASP A 807 -3.25 -9.26 -4.32
C ASP A 807 -3.68 -7.82 -4.51
N LEU A 808 -4.64 -7.44 -3.66
CA LEU A 808 -5.16 -6.11 -3.52
C LEU A 808 -4.82 -5.65 -2.12
N ASN A 809 -3.88 -4.68 -2.03
CA ASN A 809 -3.53 -3.99 -0.80
C ASN A 809 -3.09 -4.90 0.31
N GLY A 810 -2.53 -6.08 0.01
CA GLY A 810 -2.11 -6.98 1.04
C GLY A 810 -3.24 -7.62 1.77
N LEU A 811 -4.47 -7.49 1.29
CA LEU A 811 -5.67 -7.96 1.99
C LEU A 811 -6.31 -9.20 1.39
N GLN A 812 -6.31 -9.34 0.08
CA GLN A 812 -7.06 -10.38 -0.62
C GLN A 812 -6.35 -10.67 -1.93
N PHE A 813 -6.53 -11.86 -2.45
CA PHE A 813 -6.05 -12.24 -3.77
C PHE A 813 -7.20 -12.35 -4.76
N ILE A 814 -7.01 -11.73 -5.90
CA ILE A 814 -8.07 -11.65 -6.93
C ILE A 814 -7.57 -12.39 -8.16
N LYS A 815 -8.48 -13.15 -8.78
CA LYS A 815 -8.20 -13.82 -10.05
C LYS A 815 -8.08 -12.81 -11.18
N ARG A 816 -7.01 -12.94 -11.96
CA ARG A 816 -6.77 -12.18 -13.16
C ARG A 816 -6.83 -13.13 -14.36
N ARG A 817 -7.28 -12.58 -15.47
CA ARG A 817 -7.21 -13.35 -16.76
C ARG A 817 -6.49 -12.48 -17.75
N ARG A 818 -5.38 -12.99 -18.28
CA ARG A 818 -4.66 -12.29 -19.34
CA ARG A 818 -4.65 -12.30 -19.35
C ARG A 818 -5.56 -12.22 -20.58
N LEU A 819 -5.66 -11.06 -21.18
CA LEU A 819 -6.53 -10.87 -22.33
C LEU A 819 -5.69 -10.41 -23.49
N ASP A 820 -5.64 -11.28 -24.52
CA ASP A 820 -4.84 -10.93 -25.67
C ASP A 820 -5.49 -9.85 -26.56
N LYS A 821 -6.77 -9.54 -26.31
CA LYS A 821 -7.45 -8.45 -27.00
C LYS A 821 -7.02 -7.12 -26.44
N LEU A 822 -6.29 -7.09 -25.31
CA LEU A 822 -5.75 -5.87 -24.72
C LEU A 822 -4.25 -5.85 -24.91
N PRO A 823 -3.63 -4.68 -24.93
CA PRO A 823 -2.16 -4.62 -25.10
C PRO A 823 -1.46 -5.08 -23.85
N LEU A 824 -0.16 -5.35 -24.00
CA LEU A 824 0.65 -5.89 -22.93
C LEU A 824 0.47 -5.10 -21.63
N GLN A 825 0.58 -3.78 -21.69
CA GLN A 825 0.55 -2.95 -20.51
C GLN A 825 -0.80 -3.01 -19.78
N ALA A 826 -1.86 -3.41 -20.43
CA ALA A 826 -3.17 -3.60 -19.80
C ALA A 826 -3.22 -4.84 -18.94
N ASN A 827 -2.32 -5.80 -19.24
CA ASN A 827 -2.26 -7.05 -18.51
C ASN A 827 -1.33 -7.00 -17.29
N TYR A 828 -0.75 -5.81 -17.07
CA TYR A 828 0.00 -5.53 -15.85
C TYR A 828 -0.95 -5.05 -14.78
N TYR A 829 -0.73 -5.55 -13.56
CA TYR A 829 -1.53 -5.28 -12.37
C TYR A 829 -0.60 -4.93 -11.22
N PRO A 830 -1.16 -4.29 -10.19
CA PRO A 830 -0.35 -4.03 -9.01
C PRO A 830 -0.04 -5.36 -8.35
N ILE A 831 1.19 -5.47 -7.82
CA ILE A 831 1.62 -6.61 -7.00
C ILE A 831 2.01 -6.01 -5.63
N PRO A 832 1.01 -5.67 -4.83
CA PRO A 832 1.35 -5.01 -3.56
C PRO A 832 1.99 -5.92 -2.55
N SER A 833 1.73 -7.19 -2.61
CA SER A 833 2.33 -8.16 -1.67
C SER A 833 2.55 -9.55 -2.23
N GLY A 834 1.91 -9.94 -3.34
CA GLY A 834 2.18 -11.27 -3.85
C GLY A 834 1.38 -11.55 -5.10
N MET A 835 1.83 -12.66 -5.74
CA MET A 835 1.14 -13.15 -6.95
C MET A 835 1.38 -14.64 -7.03
N PHE A 836 0.50 -15.34 -7.77
CA PHE A 836 0.75 -16.75 -8.00
C PHE A 836 0.11 -17.22 -9.29
N ILE A 837 0.63 -18.35 -9.76
CA ILE A 837 0.01 -19.13 -10.81
C ILE A 837 -0.13 -20.58 -10.33
N GLU A 838 -1.09 -21.29 -10.89
CA GLU A 838 -1.31 -22.66 -10.54
C GLU A 838 -2.01 -23.42 -11.65
N ASP A 839 -1.83 -24.74 -11.57
CA ASP A 839 -2.64 -25.70 -12.34
C ASP A 839 -3.29 -26.68 -11.37
N ALA A 840 -3.77 -27.82 -11.85
CA ALA A 840 -4.38 -28.77 -10.98
C ALA A 840 -3.46 -29.24 -9.89
N ASN A 841 -2.16 -29.36 -10.15
CA ASN A 841 -1.27 -30.01 -9.19
C ASN A 841 -0.25 -29.09 -8.53
N THR A 842 0.15 -27.99 -9.14
CA THR A 842 1.32 -27.22 -8.74
C THR A 842 0.97 -25.73 -8.70
N ARG A 843 1.50 -25.07 -7.66
CA ARG A 843 1.37 -23.61 -7.55
C ARG A 843 2.77 -23.01 -7.33
N LEU A 844 3.00 -21.85 -7.91
CA LEU A 844 4.21 -21.06 -7.65
C LEU A 844 3.70 -19.69 -7.15
N THR A 845 4.10 -19.34 -5.91
CA THR A 845 3.75 -18.05 -5.32
C THR A 845 5.00 -17.22 -5.14
N LEU A 846 4.93 -15.96 -5.53
CA LEU A 846 6.01 -14.98 -5.29
C LEU A 846 5.46 -13.93 -4.34
N LEU A 847 6.03 -13.84 -3.16
CA LEU A 847 5.66 -12.83 -2.16
C LEU A 847 6.67 -11.69 -2.27
N THR A 848 6.18 -10.46 -2.05
CA THR A 848 7.06 -9.30 -2.15
CA THR A 848 7.00 -9.29 -2.15
C THR A 848 7.11 -8.46 -0.86
N GLY A 849 8.26 -7.83 -0.68
CA GLY A 849 8.41 -6.84 0.41
C GLY A 849 8.21 -5.42 0.00
N GLN A 850 7.67 -5.21 -1.18
CA GLN A 850 7.44 -3.88 -1.74
C GLN A 850 6.43 -3.99 -2.86
N PRO A 851 5.59 -2.99 -3.07
CA PRO A 851 4.68 -3.04 -4.22
C PRO A 851 5.40 -2.74 -5.49
N LEU A 852 5.13 -3.57 -6.51
CA LEU A 852 5.74 -3.43 -7.83
C LEU A 852 4.69 -3.86 -8.88
N GLY A 853 4.86 -3.57 -10.12
CA GLY A 853 3.94 -4.03 -11.16
C GLY A 853 4.32 -5.42 -11.67
N GLY A 854 3.31 -6.16 -12.13
CA GLY A 854 3.64 -7.47 -12.65
C GLY A 854 2.50 -8.09 -13.43
N SER A 855 2.80 -9.28 -13.96
CA SER A 855 1.84 -9.98 -14.81
C SER A 855 2.22 -11.43 -14.95
N SER A 856 1.39 -12.14 -15.73
CA SER A 856 1.73 -13.45 -16.29
C SER A 856 1.41 -13.37 -17.78
N LEU A 857 2.42 -13.16 -18.63
CA LEU A 857 2.17 -12.88 -20.05
C LEU A 857 2.11 -14.13 -20.88
N ALA A 858 2.38 -15.26 -20.29
CA ALA A 858 2.25 -16.56 -21.00
C ALA A 858 2.05 -17.59 -19.92
N SER A 859 1.41 -18.69 -20.31
CA SER A 859 1.19 -19.78 -19.42
C SER A 859 2.49 -20.24 -18.81
N GLY A 860 2.54 -20.38 -17.52
CA GLY A 860 3.64 -20.86 -16.71
C GLY A 860 4.55 -19.74 -16.26
N GLU A 861 4.30 -18.47 -16.60
CA GLU A 861 5.18 -17.38 -16.28
C GLU A 861 4.63 -16.48 -15.18
N LEU A 862 5.53 -15.89 -14.42
CA LEU A 862 5.26 -14.77 -13.55
C LEU A 862 6.30 -13.70 -13.87
N GLU A 863 5.98 -12.43 -13.81
CA GLU A 863 6.99 -11.40 -13.95
C GLU A 863 6.63 -10.21 -13.09
N ILE A 864 7.70 -9.54 -12.61
CA ILE A 864 7.55 -8.39 -11.73
C ILE A 864 8.63 -7.36 -12.08
N MET A 865 8.21 -6.12 -12.29
CA MET A 865 9.10 -5.07 -12.66
C MET A 865 9.95 -4.64 -11.47
N GLN A 866 11.24 -4.38 -11.71
CA GLN A 866 12.18 -4.00 -10.66
C GLN A 866 12.45 -2.52 -10.57
N ASP A 867 12.64 -1.83 -11.70
CA ASP A 867 12.78 -0.39 -11.76
C ASP A 867 12.58 0.04 -13.21
N ARG A 868 12.43 1.34 -13.37
CA ARG A 868 12.17 1.92 -14.69
C ARG A 868 12.78 3.32 -14.68
N ARG A 869 13.46 3.63 -15.77
CA ARG A 869 14.15 4.90 -15.97
C ARG A 869 13.70 5.46 -17.29
N LEU A 870 13.04 6.59 -17.29
CA LEU A 870 12.30 7.12 -18.45
C LEU A 870 12.67 8.56 -18.69
N ALA A 871 13.16 8.81 -19.92
CA ALA A 871 13.60 10.17 -20.15
C ALA A 871 12.51 11.14 -20.46
N SER A 872 11.38 10.69 -20.92
CA SER A 872 10.35 11.61 -21.33
C SER A 872 9.20 11.68 -20.33
N ASP A 873 8.49 12.78 -20.42
CA ASP A 873 7.25 13.00 -19.71
C ASP A 873 6.12 12.35 -20.47
N ASP A 874 5.11 11.87 -19.73
CA ASP A 874 3.98 11.20 -20.32
C ASP A 874 2.69 12.00 -20.41
N GLU A 875 2.84 13.31 -20.38
CA GLU A 875 1.77 14.21 -20.82
C GLU A 875 0.57 14.14 -19.90
N ARG A 876 0.80 13.93 -18.59
CA ARG A 876 -0.28 14.04 -17.62
C ARG A 876 -0.16 15.17 -16.61
N GLY A 877 0.86 16.01 -16.74
CA GLY A 877 1.02 17.19 -15.94
C GLY A 877 2.21 17.19 -15.01
N LEU A 878 2.91 16.08 -14.91
CA LEU A 878 4.09 16.02 -14.01
C LEU A 878 5.24 16.80 -14.55
N GLY A 879 5.40 16.91 -15.87
CA GLY A 879 6.44 17.70 -16.44
C GLY A 879 7.85 17.22 -16.30
N GLN A 880 8.03 15.91 -16.09
CA GLN A 880 9.34 15.31 -16.08
C GLN A 880 9.18 13.83 -16.32
N GLY A 881 10.25 13.20 -16.77
CA GLY A 881 10.32 11.74 -16.76
C GLY A 881 10.81 11.27 -15.39
N VAL A 882 11.36 10.07 -15.35
CA VAL A 882 11.85 9.45 -14.15
C VAL A 882 13.34 9.12 -14.33
N LEU A 883 14.17 10.02 -13.81
CA LEU A 883 15.63 9.99 -14.04
C LEU A 883 16.31 10.12 -12.70
N ASP A 884 15.63 9.86 -11.61
CA ASP A 884 16.16 10.03 -10.26
C ASP A 884 16.27 8.68 -9.53
N ASN A 885 16.43 7.61 -10.28
CA ASN A 885 16.60 6.30 -9.72
C ASN A 885 17.77 6.24 -8.72
N LYS A 886 17.62 5.39 -7.73
CA LYS A 886 18.71 5.10 -6.81
C LYS A 886 18.68 3.63 -6.46
N PRO A 887 19.80 3.08 -6.02
CA PRO A 887 19.81 1.65 -5.69
C PRO A 887 18.80 1.29 -4.64
N VAL A 888 18.12 0.18 -4.88
CA VAL A 888 17.08 -0.32 -3.99
C VAL A 888 17.30 -1.81 -3.80
N LEU A 889 17.08 -2.30 -2.59
CA LEU A 889 17.09 -3.73 -2.28
C LEU A 889 15.68 -4.27 -2.19
N HIS A 890 15.27 -4.93 -3.26
CA HIS A 890 13.97 -5.59 -3.26
C HIS A 890 14.07 -6.98 -2.67
N ILE A 891 13.04 -7.39 -1.92
CA ILE A 891 13.03 -8.68 -1.25
C ILE A 891 11.78 -9.46 -1.62
N TYR A 892 11.92 -10.77 -1.66
CA TYR A 892 10.89 -11.69 -2.07
C TYR A 892 11.01 -13.01 -1.34
N ARG A 893 9.92 -13.78 -1.33
CA ARG A 893 9.96 -15.20 -1.01
C ARG A 893 9.33 -15.98 -2.16
N LEU A 894 9.87 -17.17 -2.43
CA LEU A 894 9.40 -17.99 -3.54
C LEU A 894 8.93 -19.33 -2.99
N VAL A 895 7.65 -19.62 -3.22
CA VAL A 895 7.04 -20.82 -2.65
C VAL A 895 6.48 -21.69 -3.74
N LEU A 896 7.09 -22.82 -4.00
CA LEU A 896 6.61 -23.85 -4.91
C LEU A 896 5.92 -24.89 -4.07
N GLU A 897 4.69 -25.28 -4.44
CA GLU A 897 3.90 -26.20 -3.65
C GLU A 897 3.06 -27.10 -4.50
N LYS A 898 2.80 -28.29 -3.98
CA LYS A 898 1.77 -29.16 -4.50
C LYS A 898 0.43 -28.78 -3.90
N VAL A 899 -0.53 -28.58 -4.81
CA VAL A 899 -1.83 -28.10 -4.35
C VAL A 899 -3.00 -29.02 -4.78
N ASN A 900 -2.69 -30.19 -5.35
CA ASN A 900 -3.78 -31.07 -5.76
C ASN A 900 -4.64 -31.52 -4.58
N ASN A 901 -4.15 -31.52 -3.36
CA ASN A 901 -4.99 -31.94 -2.25
C ASN A 901 -5.68 -30.78 -1.58
N CYS A 902 -5.46 -29.55 -2.04
CA CYS A 902 -6.05 -28.37 -1.41
C CYS A 902 -7.52 -28.17 -1.82
N VAL A 903 -8.32 -27.70 -0.87
CA VAL A 903 -9.70 -27.37 -1.16
C VAL A 903 -9.72 -25.97 -1.72
N ARG A 904 -9.85 -25.83 -3.02
CA ARG A 904 -9.81 -24.53 -3.68
C ARG A 904 -11.19 -24.11 -4.12
N PRO A 905 -11.36 -22.82 -4.40
CA PRO A 905 -12.61 -22.36 -4.91
C PRO A 905 -12.88 -23.01 -6.28
N SER A 906 -14.17 -22.99 -6.66
CA SER A 906 -14.55 -23.50 -7.95
C SER A 906 -14.02 -22.61 -9.05
N LYS A 907 -14.03 -23.08 -10.27
CA LYS A 907 -13.53 -22.36 -11.43
C LYS A 907 -14.23 -21.03 -11.65
N LEU A 908 -15.45 -20.83 -11.15
CA LEU A 908 -16.17 -19.55 -11.34
C LEU A 908 -15.94 -18.53 -10.24
N HIS A 909 -15.28 -18.96 -9.17
CA HIS A 909 -15.05 -18.02 -8.07
C HIS A 909 -13.98 -16.97 -8.42
N PRO A 910 -14.23 -15.69 -8.15
CA PRO A 910 -13.28 -14.67 -8.53
C PRO A 910 -12.08 -14.50 -7.58
N ALA A 911 -11.99 -15.21 -6.47
CA ALA A 911 -10.91 -15.06 -5.51
C ALA A 911 -9.97 -16.25 -5.53
N GLY A 912 -8.77 -16.05 -5.00
CA GLY A 912 -7.89 -17.11 -4.60
C GLY A 912 -7.38 -16.88 -3.21
N TYR A 913 -6.75 -17.88 -2.61
CA TYR A 913 -6.26 -17.83 -1.26
C TYR A 913 -4.90 -18.50 -1.15
N LEU A 914 -4.08 -17.96 -0.27
CA LEU A 914 -2.78 -18.50 0.04
C LEU A 914 -2.84 -19.78 0.84
N THR A 915 -1.78 -20.57 0.73
CA THR A 915 -1.50 -21.62 1.66
C THR A 915 -0.85 -21.04 2.92
N SER A 916 -0.80 -21.86 3.98
CA SER A 916 -0.12 -21.53 5.22
CA SER A 916 -0.14 -21.43 5.21
C SER A 916 1.32 -21.07 4.96
N ALA A 917 2.07 -21.83 4.17
CA ALA A 917 3.47 -21.51 3.96
C ALA A 917 3.65 -20.22 3.23
N ALA A 918 2.80 -19.91 2.25
CA ALA A 918 2.92 -18.63 1.51
C ALA A 918 2.54 -17.46 2.42
N HIS A 919 1.49 -17.64 3.23
CA HIS A 919 1.14 -16.56 4.16
C HIS A 919 2.24 -16.27 5.14
N LYS A 920 2.84 -17.33 5.73
CA LYS A 920 3.95 -17.13 6.66
C LYS A 920 5.14 -16.46 5.98
N ALA A 921 5.37 -16.84 4.72
CA ALA A 921 6.47 -16.21 3.99
C ALA A 921 6.21 -14.74 3.77
N SER A 922 4.98 -14.35 3.48
CA SER A 922 4.61 -12.95 3.37
C SER A 922 4.84 -12.23 4.70
N GLN A 923 4.44 -12.84 5.80
CA GLN A 923 4.65 -12.23 7.11
C GLN A 923 6.13 -12.05 7.39
N SER A 924 6.98 -12.99 6.95
CA SER A 924 8.42 -12.92 7.10
CA SER A 924 8.41 -12.85 7.20
C SER A 924 8.98 -11.67 6.43
N LEU A 925 8.38 -11.28 5.32
CA LEU A 925 8.84 -10.13 4.58
C LEU A 925 8.30 -8.84 5.18
N LEU A 926 7.05 -8.80 5.56
CA LEU A 926 6.44 -7.54 5.97
C LEU A 926 6.60 -7.24 7.43
N ASP A 927 6.62 -8.25 8.28
CA ASP A 927 6.72 -8.04 9.72
C ASP A 927 7.75 -8.99 10.32
N PRO A 928 9.02 -8.79 9.95
CA PRO A 928 10.10 -9.61 10.52
C PRO A 928 10.28 -9.33 12.00
N LEU A 929 11.07 -10.19 12.66
CA LEU A 929 11.55 -9.81 13.99
C LEU A 929 12.32 -8.52 13.93
N ASP A 930 12.16 -7.68 14.96
CA ASP A 930 12.99 -6.50 15.13
C ASP A 930 14.20 -6.84 16.00
N LYS A 931 15.32 -6.23 15.69
CA LYS A 931 16.59 -6.52 16.36
C LYS A 931 17.12 -5.28 17.02
N PHE A 932 17.50 -5.39 18.30
CA PHE A 932 18.01 -4.30 19.10
C PHE A 932 19.37 -4.68 19.68
N ILE A 933 20.32 -3.76 19.58
CA ILE A 933 21.66 -3.95 20.15
C ILE A 933 21.81 -3.04 21.35
N PHE A 934 22.13 -3.57 22.51
CA PHE A 934 22.27 -2.70 23.68
C PHE A 934 23.49 -1.79 23.48
N ALA A 935 23.34 -0.49 23.73
CA ALA A 935 24.31 0.46 23.33
C ALA A 935 25.45 0.64 24.32
N GLU A 936 25.24 0.44 25.57
CA GLU A 936 26.22 0.63 26.63
C GLU A 936 26.94 -0.67 26.92
N ASN A 937 27.95 -0.63 27.81
CA ASN A 937 28.73 -1.85 28.05
C ASN A 937 28.01 -2.84 28.95
N GLU A 938 27.23 -2.34 29.92
CA GLU A 938 26.55 -3.24 30.82
C GLU A 938 25.09 -2.86 31.00
N TRP A 939 24.19 -3.84 30.88
CA TRP A 939 22.76 -3.60 31.12
C TRP A 939 22.40 -4.12 32.50
N ILE A 940 22.30 -3.21 33.46
CA ILE A 940 22.01 -3.67 34.82
C ILE A 940 20.52 -3.93 34.96
N GLY A 941 20.15 -5.06 35.53
CA GLY A 941 18.77 -5.43 35.71
C GLY A 941 18.07 -6.05 34.54
N ALA A 942 18.86 -6.46 33.54
CA ALA A 942 18.36 -7.05 32.32
C ALA A 942 17.55 -8.32 32.57
N GLN A 943 16.47 -8.47 31.85
CA GLN A 943 15.59 -9.63 31.92
C GLN A 943 15.60 -10.35 30.58
N GLY A 944 15.24 -11.65 30.62
CA GLY A 944 15.40 -12.52 29.48
C GLY A 944 14.26 -12.56 28.51
N GLN A 945 13.08 -12.22 28.92
CA GLN A 945 11.91 -12.39 28.06
C GLN A 945 10.79 -11.52 28.53
N PHE A 946 9.96 -11.12 27.59
CA PHE A 946 8.72 -10.46 27.84
C PHE A 946 7.65 -11.12 26.99
N GLY A 947 6.47 -11.40 27.53
CA GLY A 947 5.34 -11.92 26.81
C GLY A 947 5.25 -13.42 26.73
N GLY A 948 5.97 -14.15 27.58
CA GLY A 948 5.89 -15.59 27.55
C GLY A 948 4.50 -16.12 27.90
N ASP A 949 3.67 -15.33 28.55
CA ASP A 949 2.31 -15.68 28.90
C ASP A 949 1.31 -15.15 27.91
N HIS A 950 1.77 -14.48 26.83
CA HIS A 950 0.78 -14.06 25.82
C HIS A 950 0.22 -15.22 25.03
N PRO A 951 -1.08 -15.25 24.71
CA PRO A 951 -1.59 -16.39 23.93
C PRO A 951 -0.99 -16.43 22.54
N SER A 952 -0.76 -17.64 22.07
CA SER A 952 -0.21 -17.90 20.73
C SER A 952 -1.36 -18.31 19.85
N ALA A 953 -1.85 -17.33 19.07
CA ALA A 953 -3.09 -17.43 18.33
C ALA A 953 -2.93 -18.23 17.05
N ARG A 954 -4.03 -18.72 16.54
CA ARG A 954 -4.03 -19.44 15.30
C ARG A 954 -3.35 -18.63 14.20
N GLU A 955 -2.70 -19.34 13.30
CA GLU A 955 -1.79 -18.74 12.33
C GLU A 955 -2.45 -17.75 11.37
N ASP A 956 -3.75 -17.91 11.13
CA ASP A 956 -4.44 -17.00 10.23
C ASP A 956 -4.90 -15.69 10.88
N LEU A 957 -4.71 -15.54 12.17
CA LEU A 957 -5.13 -14.34 12.89
C LEU A 957 -3.97 -13.44 13.17
N ASP A 958 -4.15 -12.14 12.99
CA ASP A 958 -3.15 -11.13 13.30
C ASP A 958 -3.76 -10.02 14.16
N VAL A 959 -2.93 -9.45 15.03
CA VAL A 959 -3.21 -8.21 15.72
C VAL A 959 -2.53 -7.14 14.87
N SER A 960 -3.27 -6.63 13.88
CA SER A 960 -2.75 -5.71 12.90
C SER A 960 -2.32 -4.40 13.52
N VAL A 961 -3.07 -3.97 14.53
CA VAL A 961 -2.84 -2.73 15.28
C VAL A 961 -3.02 -2.99 16.77
N MET A 962 -2.08 -2.52 17.58
CA MET A 962 -2.28 -2.35 19.00
C MET A 962 -1.86 -0.91 19.29
N ARG A 963 -2.77 -0.09 19.84
CA ARG A 963 -2.55 1.31 20.05
C ARG A 963 -3.17 1.79 21.35
N ARG A 964 -2.38 2.32 22.25
CA ARG A 964 -3.01 2.96 23.45
C ARG A 964 -3.62 4.29 22.98
N LEU A 965 -4.84 4.52 23.38
CA LEU A 965 -5.65 5.61 22.91
C LEU A 965 -5.73 6.78 23.87
N THR A 966 -5.24 6.62 25.06
CA THR A 966 -5.29 7.64 26.11
C THR A 966 -3.89 7.99 26.57
N LYS A 967 -3.73 9.27 26.95
CA LYS A 967 -2.53 9.72 27.62
C LYS A 967 -2.57 9.39 29.09
N SER A 968 -1.49 9.64 29.79
CA SER A 968 -1.32 9.15 31.15
C SER A 968 -2.27 9.80 32.15
N SER A 969 -2.81 10.98 31.85
CA SER A 969 -3.68 11.68 32.79
C SER A 969 -5.06 11.08 32.82
N ALA A 970 -5.46 10.25 31.91
CA ALA A 970 -6.78 9.65 31.90
C ALA A 970 -6.92 8.60 33.00
N LYS A 971 -7.95 8.77 33.83
CA LYS A 971 -8.20 7.83 34.89
C LYS A 971 -8.54 6.47 34.28
N THR A 972 -9.31 6.45 33.20
CA THR A 972 -9.61 5.16 32.51
C THR A 972 -8.74 5.04 31.26
N GLN A 973 -7.78 4.12 31.29
CA GLN A 973 -6.95 3.95 30.10
C GLN A 973 -7.69 3.07 29.12
N ARG A 974 -7.49 3.19 27.83
CA ARG A 974 -8.06 2.63 26.72
C ARG A 974 -7.01 2.20 25.72
N VAL A 975 -7.10 0.95 25.32
CA VAL A 975 -6.17 0.38 24.32
C VAL A 975 -7.02 -0.19 23.20
N GLY A 976 -6.68 0.14 21.97
CA GLY A 976 -7.35 -0.33 20.78
C GLY A 976 -6.58 -1.39 20.07
N TYR A 977 -7.32 -2.34 19.54
CA TYR A 977 -6.78 -3.43 18.75
C TYR A 977 -7.56 -3.59 17.45
N VAL A 978 -6.84 -3.81 16.35
CA VAL A 978 -7.46 -4.20 15.09
C VAL A 978 -7.05 -5.66 14.86
N LEU A 979 -8.00 -6.56 14.76
CA LEU A 979 -7.79 -7.97 14.53
C LEU A 979 -8.20 -8.32 13.11
N HIS A 980 -7.32 -8.97 12.39
CA HIS A 980 -7.61 -9.42 11.04
C HIS A 980 -7.37 -10.92 10.94
N ARG A 981 -8.37 -11.63 10.41
CA ARG A 981 -8.18 -13.06 10.07
C ARG A 981 -8.20 -13.23 8.57
N THR A 982 -7.13 -13.79 8.04
CA THR A 982 -7.10 -14.10 6.63
C THR A 982 -7.80 -15.43 6.41
N ASN A 983 -7.79 -15.94 5.17
CA ASN A 983 -8.30 -17.28 4.88
C ASN A 983 -7.22 -18.07 4.18
N LEU A 984 -6.81 -19.18 4.81
CA LEU A 984 -5.77 -20.06 4.26
C LEU A 984 -6.39 -21.32 3.71
N MET A 985 -5.84 -21.83 2.64
CA MET A 985 -6.42 -23.07 2.10
CA MET A 985 -6.27 -23.10 2.04
C MET A 985 -6.19 -24.26 2.98
N GLN A 986 -7.20 -25.14 2.95
CA GLN A 986 -7.19 -26.43 3.63
C GLN A 986 -6.46 -27.40 2.74
N CYS A 987 -5.29 -27.93 3.13
CA CYS A 987 -4.58 -28.84 2.28
C CYS A 987 -4.22 -30.15 3.02
N GLY A 988 -4.86 -30.39 4.17
CA GLY A 988 -4.67 -31.62 4.89
C GLY A 988 -3.57 -31.56 5.90
N THR A 989 -3.07 -30.35 6.22
CA THR A 989 -2.15 -30.33 7.36
C THR A 989 -2.96 -30.06 8.63
N PRO A 990 -3.13 -31.12 9.43
CA PRO A 990 -3.95 -31.11 10.64
C PRO A 990 -3.83 -29.81 11.44
N GLU A 991 -2.59 -29.27 11.57
CA GLU A 991 -2.19 -27.94 12.05
C GLU A 991 -2.98 -27.26 13.17
N GLU A 992 -2.80 -27.67 14.41
CA GLU A 992 -3.89 -27.38 15.34
C GLU A 992 -3.47 -26.75 16.67
N HIS A 993 -3.97 -27.35 17.73
CA HIS A 993 -3.98 -26.90 19.12
C HIS A 993 -3.53 -25.46 19.19
N THR A 994 -4.41 -24.45 19.21
CA THR A 994 -3.76 -23.14 19.50
C THR A 994 -4.53 -22.48 20.62
N GLN A 995 -4.01 -21.35 21.15
CA GLN A 995 -4.81 -20.75 22.20
C GLN A 995 -5.73 -19.65 21.68
N LYS A 996 -6.93 -19.50 22.25
CA LYS A 996 -7.77 -18.37 21.92
C LYS A 996 -7.13 -17.06 22.32
N LEU A 997 -7.21 -16.08 21.43
CA LEU A 997 -6.72 -14.76 21.79
C LEU A 997 -7.88 -13.82 22.11
N ASP A 998 -7.87 -13.31 23.36
CA ASP A 998 -8.82 -12.30 23.78
C ASP A 998 -8.03 -11.04 24.05
N VAL A 999 -8.07 -10.11 23.06
CA VAL A 999 -7.24 -8.94 23.24
C VAL A 999 -7.63 -8.09 24.45
N CYS A 1000 -8.89 -8.17 24.89
CA CYS A 1000 -9.31 -7.33 26.01
C CYS A 1000 -8.70 -7.72 27.34
N HIS A 1001 -8.10 -8.94 27.37
CA HIS A 1001 -7.42 -9.37 28.61
C HIS A 1001 -5.89 -9.34 28.48
N LEU A 1002 -5.32 -8.71 27.45
CA LEU A 1002 -3.88 -8.61 27.33
C LEU A 1002 -3.27 -7.66 28.37
N LEU A 1003 -4.01 -6.66 28.79
CA LEU A 1003 -3.57 -5.76 29.82
C LEU A 1003 -4.41 -6.02 31.06
N PRO A 1004 -3.86 -5.83 32.22
CA PRO A 1004 -4.61 -6.11 33.44
C PRO A 1004 -5.64 -5.05 33.78
N ASN A 1005 -6.48 -5.42 34.75
CA ASN A 1005 -7.51 -4.55 35.32
C ASN A 1005 -8.52 -4.09 34.27
N VAL A 1006 -8.92 -5.02 33.38
CA VAL A 1006 -9.91 -4.65 32.41
C VAL A 1006 -11.24 -4.42 33.13
N ALA A 1007 -11.86 -3.31 32.71
CA ALA A 1007 -13.15 -2.91 33.25
C ALA A 1007 -14.25 -2.91 32.20
N ARG A 1008 -13.93 -2.88 30.91
CA ARG A 1008 -14.88 -2.87 29.85
C ARG A 1008 -14.19 -3.31 28.56
N CYS A 1009 -14.92 -3.93 27.67
CA CYS A 1009 -14.40 -4.29 26.35
C CYS A 1009 -15.48 -3.94 25.36
N GLU A 1010 -15.18 -3.19 24.33
CA GLU A 1010 -16.15 -2.79 23.34
C GLU A 1010 -15.64 -3.13 21.92
N ARG A 1011 -16.55 -3.54 21.06
CA ARG A 1011 -16.30 -3.64 19.64
C ARG A 1011 -16.51 -2.25 19.08
N THR A 1012 -15.62 -1.76 18.20
CA THR A 1012 -15.69 -0.41 17.64
C THR A 1012 -15.59 -0.47 16.13
N THR A 1013 -15.86 0.67 15.49
CA THR A 1013 -15.41 0.84 14.10
C THR A 1013 -13.91 0.73 14.04
N LEU A 1014 -13.37 0.50 12.84
CA LEU A 1014 -11.93 0.25 12.72
C LEU A 1014 -11.06 1.40 13.08
N THR A 1015 -11.62 2.63 13.06
CA THR A 1015 -10.96 3.84 13.45
C THR A 1015 -10.99 4.11 14.97
N PHE A 1016 -11.67 3.26 15.70
CA PHE A 1016 -11.89 3.35 17.15
C PHE A 1016 -12.88 4.44 17.54
N LEU A 1017 -13.56 5.10 16.62
CA LEU A 1017 -14.27 6.31 16.95
C LEU A 1017 -15.74 6.09 17.30
N GLN A 1018 -16.29 4.90 17.13
CA GLN A 1018 -17.66 4.64 17.52
C GLN A 1018 -17.76 3.27 18.18
N ASN A 1019 -18.41 3.23 19.35
CA ASN A 1019 -18.69 1.96 19.98
C ASN A 1019 -19.88 1.27 19.35
N LEU A 1020 -19.70 0.03 18.96
CA LEU A 1020 -20.70 -0.74 18.28
C LEU A 1020 -21.31 -1.83 19.18
N GLU A 1021 -20.62 -2.35 20.17
CA GLU A 1021 -21.13 -3.40 21.06
C GLU A 1021 -20.36 -3.43 22.36
N HIS A 1022 -21.07 -3.55 23.47
CA HIS A 1022 -20.49 -3.73 24.79
C HIS A 1022 -20.38 -5.24 25.01
N LEU A 1023 -19.19 -5.73 25.28
CA LEU A 1023 -19.05 -7.19 25.18
C LEU A 1023 -19.15 -7.85 26.55
N ASP A 1024 -19.98 -8.86 26.62
CA ASP A 1024 -20.15 -9.78 27.71
C ASP A 1024 -18.82 -10.35 28.20
N GLY A 1025 -18.65 -10.27 29.51
CA GLY A 1025 -17.51 -10.79 30.19
C GLY A 1025 -16.22 -10.09 29.89
N MET A 1026 -16.31 -9.00 29.14
CA MET A 1026 -15.15 -8.23 28.72
C MET A 1026 -14.22 -9.06 27.86
N VAL A 1027 -14.79 -10.00 27.11
CA VAL A 1027 -14.07 -10.88 26.19
C VAL A 1027 -14.30 -10.43 24.75
N ALA A 1028 -13.23 -10.21 24.03
CA ALA A 1028 -13.28 -9.80 22.63
C ALA A 1028 -13.26 -11.08 21.82
N PRO A 1029 -14.32 -11.42 21.13
CA PRO A 1029 -14.24 -12.63 20.31
C PRO A 1029 -13.24 -12.54 19.17
N GLU A 1030 -12.73 -13.69 18.69
CA GLU A 1030 -11.93 -13.64 17.46
C GLU A 1030 -12.94 -13.47 16.32
N VAL A 1031 -12.36 -13.20 15.18
CA VAL A 1031 -13.13 -12.86 13.99
C VAL A 1031 -13.15 -14.00 12.98
N CYS A 1032 -14.08 -13.94 12.02
CA CYS A 1032 -14.23 -14.90 10.96
C CYS A 1032 -13.17 -14.72 9.87
N PRO A 1033 -12.93 -15.79 9.08
CA PRO A 1033 -12.00 -15.62 7.93
C PRO A 1033 -12.44 -14.47 7.02
N MET A 1034 -11.45 -13.70 6.61
CA MET A 1034 -11.54 -12.50 5.78
C MET A 1034 -12.22 -11.34 6.48
N GLU A 1035 -12.44 -11.39 7.76
CA GLU A 1035 -13.02 -10.30 8.50
C GLU A 1035 -11.96 -9.57 9.29
N THR A 1036 -12.24 -8.32 9.57
CA THR A 1036 -11.45 -7.42 10.39
C THR A 1036 -12.34 -6.76 11.40
N ALA A 1037 -11.94 -6.76 12.67
CA ALA A 1037 -12.73 -6.14 13.72
C ALA A 1037 -11.81 -5.29 14.58
N ALA A 1038 -12.40 -4.34 15.28
CA ALA A 1038 -11.67 -3.53 16.21
C ALA A 1038 -12.33 -3.62 17.59
N TYR A 1039 -11.48 -3.65 18.59
CA TYR A 1039 -11.88 -3.68 19.98
C TYR A 1039 -11.13 -2.64 20.78
N VAL A 1040 -11.78 -2.06 21.78
CA VAL A 1040 -11.14 -1.19 22.75
C VAL A 1040 -11.36 -1.76 24.12
N SER A 1041 -10.27 -1.99 24.85
CA SER A 1041 -10.31 -2.37 26.27
C SER A 1041 -10.09 -1.12 27.12
N SER A 1042 -10.89 -1.03 28.20
CA SER A 1042 -10.76 0.01 29.18
C SER A 1042 -10.25 -0.59 30.50
N HIS A 1043 -9.34 0.14 31.16
CA HIS A 1043 -8.63 -0.33 32.33
C HIS A 1043 -8.65 0.71 33.42
N SER A 1044 -8.90 0.22 34.64
CA SER A 1044 -9.06 1.05 35.78
C SER A 1044 -7.77 1.22 36.56
N SER A 1045 -6.78 0.44 36.23
CA SER A 1045 -5.46 0.55 36.82
C SER A 1045 -4.45 -0.18 35.91
#